data_3W7P
#
_entry.id   3W7P
#
_cell.length_a   67.907
_cell.length_b   71.784
_cell.length_c   129.285
_cell.angle_alpha   90.00
_cell.angle_beta   90.00
_cell.angle_gamma   90.00
#
_symmetry.space_group_name_H-M   'P 21 21 21'
#
loop_
_entity.id
_entity.type
_entity.pdbx_description
1 polymer 'Dihydroorotate dehydrogenase (fumarate)'
2 non-polymer '5-[2-(4-carboxyphenyl)ethyl]-2,6-dioxo-1,2,3,6-tetrahydropyrimidine-4-carboxylic acid'
3 non-polymer GLYCEROL
4 non-polymer 'FLAVIN MONONUCLEOTIDE'
5 non-polymer 'COBALT HEXAMMINE(III)'
6 water water
#
_entity_poly.entity_id   1
_entity_poly.type   'polypeptide(L)'
_entity_poly.pdbx_seq_one_letter_code
;MCLKLNLLDHVFANPFMNAAGVLCSTEEDLRCMTASSSGALVSKSCTSAPRDGNPEPRYMAFPLGSINSMGLPNLGFDFY
LKYASDLHDYSKKPLFLSISGLSVEENVAMVRRLAPVAQEKGVLLELNLSCPNVPGKPQVAYDFEAMRTYLQQVSLAYGL
PFGVKMPPYFDIAHFDTAAAVLNEFPLVKFVTCVNSVGNGLVIDAESESVVIKPKQGFGGLGGKYILPTALANVNAFYRR
CPDKLVFGCGGVYSGEDAFLHILAGASMVQVGTALQEEGPGIFTRLEDELLEIMARKGYRTLEEFRGRVKTIE
;
_entity_poly.pdbx_strand_id   A,B
#
# COMPACT_ATOMS: atom_id res chain seq x y z
N MET A 1 -29.92 -11.11 -19.29
CA MET A 1 -28.77 -10.29 -19.76
C MET A 1 -27.54 -11.17 -19.85
N CYS A 2 -26.64 -10.84 -20.77
CA CYS A 2 -25.33 -11.53 -20.77
C CYS A 2 -24.26 -10.48 -20.79
N LEU A 3 -23.09 -10.95 -20.28
CA LEU A 3 -21.90 -10.14 -19.89
C LEU A 3 -20.83 -10.36 -20.92
N LYS A 4 -21.14 -10.94 -22.16
CA LYS A 4 -20.18 -11.28 -23.17
C LYS A 4 -19.51 -9.94 -23.66
N LEU A 5 -18.16 -9.96 -23.93
CA LEU A 5 -17.32 -8.91 -24.55
C LEU A 5 -16.14 -9.37 -25.53
N ASN A 6 -15.60 -8.46 -26.31
N ASN A 6 -15.52 -8.38 -26.29
CA ASN A 6 -14.53 -8.75 -27.21
CA ASN A 6 -14.49 -8.47 -27.46
C ASN A 6 -13.52 -7.79 -26.83
C ASN A 6 -13.24 -7.63 -27.33
N LEU A 7 -12.22 -8.24 -26.78
CA LEU A 7 -11.02 -7.48 -26.82
C LEU A 7 -9.81 -8.25 -27.18
N LEU A 8 -8.80 -7.52 -27.60
CA LEU A 8 -7.60 -8.09 -28.07
C LEU A 8 -7.89 -9.17 -29.19
N ASP A 9 -8.94 -8.94 -29.95
N ASP A 9 -8.89 -8.96 -30.00
CA ASP A 9 -9.41 -9.85 -31.02
CA ASP A 9 -9.18 -9.94 -31.06
C ASP A 9 -9.88 -11.23 -30.53
C ASP A 9 -9.67 -11.31 -30.49
N HIS A 10 -10.19 -11.29 -29.25
CA HIS A 10 -10.82 -12.43 -28.64
C HIS A 10 -12.18 -12.13 -28.10
N VAL A 11 -13.02 -13.15 -28.07
CA VAL A 11 -14.36 -13.07 -27.43
C VAL A 11 -14.33 -13.70 -26.05
N PHE A 12 -14.91 -12.95 -25.09
CA PHE A 12 -15.03 -13.39 -23.70
C PHE A 12 -16.51 -13.38 -23.27
N ALA A 13 -16.91 -14.40 -22.59
CA ALA A 13 -18.30 -14.60 -22.11
C ALA A 13 -18.61 -13.66 -20.97
N ASN A 14 -17.58 -13.23 -20.25
CA ASN A 14 -17.75 -12.32 -19.14
C ASN A 14 -16.38 -11.77 -18.83
N PRO A 15 -16.29 -10.74 -17.96
CA PRO A 15 -14.98 -10.15 -17.78
C PRO A 15 -14.10 -10.81 -16.70
N PHE A 16 -14.56 -11.89 -16.09
CA PHE A 16 -13.85 -12.45 -14.94
C PHE A 16 -12.79 -13.44 -15.35
N MET A 17 -11.65 -13.40 -14.64
CA MET A 17 -10.67 -14.47 -14.75
C MET A 17 -9.93 -14.61 -13.42
N ASN A 18 -9.15 -15.69 -13.29
CA ASN A 18 -8.27 -15.76 -12.12
C ASN A 18 -7.17 -14.74 -12.27
N ALA A 19 -6.58 -14.36 -11.13
CA ALA A 19 -5.33 -13.65 -11.05
C ALA A 19 -4.20 -14.64 -11.19
N ALA A 20 -3.12 -14.19 -11.87
CA ALA A 20 -1.97 -15.07 -12.05
C ALA A 20 -1.48 -15.56 -10.71
N GLY A 21 -1.11 -16.84 -10.66
CA GLY A 21 -0.63 -17.43 -9.41
C GLY A 21 -1.70 -18.21 -8.66
N VAL A 22 -2.99 -17.86 -8.84
CA VAL A 22 -4.09 -18.56 -8.14
C VAL A 22 -4.78 -19.58 -9.04
N LEU A 23 -4.79 -20.81 -8.61
CA LEU A 23 -5.45 -21.93 -9.31
C LEU A 23 -5.00 -22.06 -10.74
N CYS A 24 -3.67 -22.13 -10.95
CA CYS A 24 -3.16 -22.10 -12.32
C CYS A 24 -1.77 -22.60 -12.48
N SER A 25 -1.33 -23.42 -11.56
CA SER A 25 0.06 -23.84 -11.60
C SER A 25 0.24 -25.21 -12.30
N THR A 26 -0.69 -26.10 -12.09
CA THR A 26 -0.60 -27.42 -12.62
C THR A 26 -1.61 -27.63 -13.75
N GLU A 27 -1.45 -28.70 -14.54
CA GLU A 27 -2.43 -29.06 -15.54
C GLU A 27 -3.86 -29.22 -14.93
N GLU A 28 -3.89 -29.86 -13.75
CA GLU A 28 -5.11 -29.96 -12.97
C GLU A 28 -5.76 -28.60 -12.73
N ASP A 29 -4.92 -27.66 -12.28
CA ASP A 29 -5.46 -26.34 -11.90
C ASP A 29 -6.03 -25.68 -13.19
N LEU A 30 -5.27 -25.75 -14.29
CA LEU A 30 -5.66 -25.11 -15.56
C LEU A 30 -6.90 -25.70 -16.13
N ARG A 31 -7.03 -27.02 -16.04
N ARG A 31 -7.03 -27.03 -16.05
CA ARG A 31 -8.28 -27.67 -16.44
CA ARG A 31 -8.28 -27.71 -16.41
C ARG A 31 -9.48 -27.28 -15.57
C ARG A 31 -9.48 -27.27 -15.58
N CYS A 32 -9.25 -27.07 -14.27
CA CYS A 32 -10.27 -26.66 -13.33
C CYS A 32 -10.69 -25.22 -13.68
N MET A 33 -9.75 -24.31 -13.93
CA MET A 33 -10.13 -22.94 -14.33
C MET A 33 -10.86 -22.96 -15.68
N THR A 34 -10.46 -23.85 -16.56
CA THR A 34 -11.11 -23.93 -17.88
C THR A 34 -12.57 -24.36 -17.70
N ALA A 35 -12.78 -25.32 -16.85
CA ALA A 35 -14.12 -25.85 -16.55
C ALA A 35 -15.07 -24.89 -15.83
N SER A 36 -14.47 -23.90 -15.17
CA SER A 36 -15.21 -22.86 -14.46
C SER A 36 -16.00 -21.96 -15.37
N SER A 37 -16.85 -21.14 -14.77
N SER A 37 -16.83 -21.15 -14.75
CA SER A 37 -17.57 -20.13 -15.56
CA SER A 37 -17.60 -20.16 -15.49
C SER A 37 -16.83 -18.83 -15.74
C SER A 37 -16.81 -18.91 -15.89
N SER A 38 -15.53 -18.82 -15.49
CA SER A 38 -14.76 -17.60 -15.81
C SER A 38 -14.71 -17.33 -17.28
N GLY A 39 -14.57 -16.06 -17.62
CA GLY A 39 -14.46 -15.70 -19.01
C GLY A 39 -13.12 -15.98 -19.66
N ALA A 40 -12.07 -16.14 -18.84
CA ALA A 40 -10.71 -16.43 -19.30
C ALA A 40 -9.92 -17.05 -18.12
N LEU A 41 -8.68 -17.44 -18.41
CA LEU A 41 -7.76 -17.90 -17.37
C LEU A 41 -6.41 -17.43 -17.71
N VAL A 42 -5.56 -17.32 -16.70
CA VAL A 42 -4.14 -17.01 -16.88
C VAL A 42 -3.31 -18.06 -16.14
N SER A 43 -2.18 -18.45 -16.70
CA SER A 43 -1.32 -19.43 -16.05
C SER A 43 -0.47 -18.76 -14.98
N LYS A 44 0.15 -19.59 -14.15
CA LYS A 44 1.11 -19.17 -13.11
C LYS A 44 2.29 -18.54 -13.79
N SER A 45 2.82 -17.45 -13.27
CA SER A 45 4.05 -16.87 -13.83
C SER A 45 5.15 -17.90 -13.86
N CYS A 46 5.82 -17.99 -15.01
CA CYS A 46 6.82 -19.04 -15.20
C CYS A 46 8.19 -18.44 -15.47
N THR A 47 9.16 -19.34 -15.18
CA THR A 47 10.55 -19.13 -15.44
C THR A 47 11.01 -20.18 -16.46
N SER A 48 12.21 -20.02 -17.00
CA SER A 48 12.65 -20.98 -17.98
C SER A 48 12.74 -22.38 -17.46
N ALA A 49 13.26 -22.51 -16.25
CA ALA A 49 13.33 -23.80 -15.56
C ALA A 49 12.30 -23.90 -14.44
N PRO A 50 11.92 -25.14 -14.08
CA PRO A 50 11.02 -25.31 -12.96
C PRO A 50 11.61 -24.72 -11.68
N ARG A 51 10.72 -24.33 -10.76
CA ARG A 51 11.12 -23.84 -9.41
C ARG A 51 10.22 -24.40 -8.35
N ASP A 52 10.85 -24.74 -7.20
CA ASP A 52 10.12 -25.27 -6.09
C ASP A 52 9.52 -24.09 -5.27
N GLY A 53 10.06 -22.92 -5.42
CA GLY A 53 9.63 -21.76 -4.64
C GLY A 53 10.13 -21.85 -3.22
N ASN A 54 9.61 -20.98 -2.38
CA ASN A 54 10.08 -20.81 -0.99
C ASN A 54 9.52 -21.81 -0.03
N PRO A 55 10.16 -21.91 1.15
CA PRO A 55 9.66 -22.81 2.16
C PRO A 55 8.29 -22.47 2.68
N GLU A 56 7.55 -23.51 3.09
CA GLU A 56 6.20 -23.40 3.65
C GLU A 56 6.26 -23.21 5.18
N PRO A 57 5.30 -22.47 5.77
CA PRO A 57 4.17 -21.82 5.12
C PRO A 57 4.52 -20.56 4.37
N ARG A 58 3.90 -20.38 3.21
CA ARG A 58 4.26 -19.29 2.31
C ARG A 58 3.01 -18.51 1.81
N TYR A 59 1.83 -18.94 2.20
CA TYR A 59 0.58 -18.26 1.94
C TYR A 59 -0.27 -18.41 3.17
N MET A 60 -0.92 -17.31 3.59
CA MET A 60 -1.93 -17.34 4.63
C MET A 60 -2.99 -16.35 4.31
N ALA A 61 -4.21 -16.70 4.68
CA ALA A 61 -5.40 -15.88 4.51
C ALA A 61 -6.14 -15.64 5.79
N PHE A 62 -6.80 -14.50 5.81
CA PHE A 62 -7.48 -13.95 6.96
C PHE A 62 -8.71 -13.22 6.48
N PRO A 63 -9.54 -12.77 7.40
CA PRO A 63 -10.76 -12.14 7.00
C PRO A 63 -10.59 -11.00 6.04
N LEU A 64 -9.56 -10.20 6.27
CA LEU A 64 -9.32 -9.02 5.42
C LEU A 64 -8.44 -9.26 4.19
N GLY A 65 -7.86 -10.44 4.04
CA GLY A 65 -7.06 -10.67 2.85
C GLY A 65 -6.00 -11.73 3.06
N SER A 66 -4.94 -11.64 2.29
CA SER A 66 -3.92 -12.68 2.25
C SER A 66 -2.54 -12.04 2.23
N ILE A 67 -1.59 -12.86 2.62
CA ILE A 67 -0.18 -12.51 2.50
C ILE A 67 0.54 -13.75 1.89
N ASN A 68 1.47 -13.49 1.00
CA ASN A 68 2.24 -14.57 0.31
C ASN A 68 3.65 -14.18 -0.01
N SER A 69 4.54 -15.19 0.09
N SER A 69 4.53 -15.19 0.11
CA SER A 69 5.86 -15.10 -0.48
CA SER A 69 5.85 -15.13 -0.45
C SER A 69 6.18 -16.41 -1.15
C SER A 69 6.04 -16.52 -1.01
N MET A 70 5.35 -16.76 -2.13
CA MET A 70 5.45 -18.07 -2.79
C MET A 70 6.83 -18.39 -3.34
N GLY A 71 7.53 -17.41 -3.85
CA GLY A 71 8.82 -17.56 -4.51
C GLY A 71 8.80 -18.10 -5.90
N LEU A 72 7.75 -17.82 -6.66
CA LEU A 72 7.65 -18.22 -8.02
C LEU A 72 7.76 -19.73 -8.27
N PRO A 73 7.10 -20.54 -7.47
CA PRO A 73 7.04 -22.01 -7.74
C PRO A 73 6.29 -22.21 -9.04
N ASN A 74 6.85 -22.97 -9.99
CA ASN A 74 6.13 -23.20 -11.25
C ASN A 74 6.75 -24.37 -11.93
N LEU A 75 6.04 -24.91 -12.91
CA LEU A 75 6.50 -26.14 -13.54
C LEU A 75 7.46 -25.86 -14.73
N GLY A 76 7.81 -24.61 -14.96
CA GLY A 76 8.70 -24.22 -15.99
C GLY A 76 7.98 -23.89 -17.31
N PHE A 77 8.61 -23.03 -18.06
CA PHE A 77 8.05 -22.51 -19.29
C PHE A 77 7.66 -23.62 -20.30
N ASP A 78 8.48 -24.67 -20.45
CA ASP A 78 8.12 -25.70 -21.39
C ASP A 78 6.74 -26.30 -21.14
N PHE A 79 6.41 -26.48 -19.86
CA PHE A 79 5.12 -26.99 -19.44
C PHE A 79 3.99 -26.08 -19.85
N TYR A 80 4.12 -24.80 -19.53
CA TYR A 80 3.03 -23.86 -19.82
C TYR A 80 2.87 -23.66 -21.33
N LEU A 81 3.97 -23.62 -22.04
CA LEU A 81 3.93 -23.55 -23.53
C LEU A 81 3.22 -24.76 -24.14
N LYS A 82 3.53 -25.95 -23.65
CA LYS A 82 2.87 -27.18 -24.06
C LYS A 82 1.39 -27.16 -23.77
N TYR A 83 1.03 -26.68 -22.57
CA TYR A 83 -0.39 -26.46 -22.22
C TYR A 83 -1.06 -25.57 -23.29
N ALA A 84 -0.42 -24.45 -23.61
CA ALA A 84 -1.02 -23.49 -24.55
C ALA A 84 -1.09 -24.08 -25.95
N SER A 85 -0.06 -24.85 -26.30
N SER A 85 -0.08 -24.86 -26.32
CA SER A 85 0.13 -25.29 -27.71
CA SER A 85 -0.02 -25.31 -27.73
C SER A 85 -0.65 -26.58 -28.00
C SER A 85 -0.90 -26.53 -27.93
N ASP A 86 -0.83 -27.44 -26.99
CA ASP A 86 -1.41 -28.78 -27.16
C ASP A 86 -2.66 -29.13 -26.34
N LEU A 87 -2.82 -28.56 -25.12
CA LEU A 87 -3.77 -29.08 -24.16
C LEU A 87 -5.00 -28.17 -23.98
N HIS A 88 -4.83 -26.87 -24.07
CA HIS A 88 -5.91 -25.96 -23.77
C HIS A 88 -6.99 -26.02 -24.85
N ASP A 89 -8.23 -26.01 -24.40
CA ASP A 89 -9.36 -25.98 -25.30
C ASP A 89 -9.84 -24.54 -25.53
N TYR A 90 -9.35 -23.95 -26.63
CA TYR A 90 -9.66 -22.55 -26.92
C TYR A 90 -11.14 -22.31 -27.24
N SER A 91 -11.87 -23.37 -27.50
CA SER A 91 -13.29 -23.23 -27.73
C SER A 91 -14.00 -22.88 -26.42
N LYS A 92 -13.38 -23.18 -25.28
CA LYS A 92 -14.01 -22.93 -24.00
C LYS A 92 -13.79 -21.45 -23.56
N LYS A 93 -12.57 -20.91 -23.72
CA LYS A 93 -12.26 -19.51 -23.30
C LYS A 93 -10.83 -19.20 -23.67
N PRO A 94 -10.51 -17.91 -23.71
CA PRO A 94 -9.15 -17.56 -23.99
C PRO A 94 -8.19 -17.85 -22.90
N LEU A 95 -6.92 -18.00 -23.27
CA LEU A 95 -5.84 -18.26 -22.33
C LEU A 95 -4.82 -17.18 -22.41
N PHE A 96 -4.38 -16.67 -21.25
CA PHE A 96 -3.24 -15.87 -21.13
C PHE A 96 -2.12 -16.66 -20.45
N LEU A 97 -0.88 -16.48 -20.91
CA LEU A 97 0.28 -17.13 -20.24
C LEU A 97 1.07 -16.00 -19.60
N SER A 98 1.37 -16.15 -18.30
CA SER A 98 2.18 -15.17 -17.56
C SER A 98 3.65 -15.62 -17.52
N ILE A 99 4.55 -14.69 -17.86
CA ILE A 99 5.98 -14.97 -17.85
C ILE A 99 6.63 -14.05 -16.83
N SER A 100 7.58 -14.58 -16.07
CA SER A 100 8.28 -13.81 -15.09
C SER A 100 9.71 -14.25 -14.99
N GLY A 101 10.45 -14.03 -16.06
CA GLY A 101 11.89 -14.35 -16.02
C GLY A 101 12.64 -13.49 -15.04
N LEU A 102 13.79 -14.01 -14.57
CA LEU A 102 14.58 -13.29 -13.58
C LEU A 102 15.58 -12.27 -14.24
N SER A 103 15.62 -12.22 -15.56
CA SER A 103 16.40 -11.21 -16.28
C SER A 103 15.72 -10.93 -17.53
N VAL A 104 16.15 -9.88 -18.18
CA VAL A 104 15.64 -9.55 -19.47
C VAL A 104 15.91 -10.66 -20.48
N GLU A 105 17.09 -11.29 -20.40
CA GLU A 105 17.43 -12.28 -21.40
C GLU A 105 16.55 -13.48 -21.32
N GLU A 106 16.20 -13.84 -20.11
CA GLU A 106 15.31 -15.01 -19.86
C GLU A 106 13.92 -14.72 -20.42
N ASN A 107 13.40 -13.52 -20.14
CA ASN A 107 12.10 -13.13 -20.80
C ASN A 107 12.14 -13.12 -22.32
N VAL A 108 13.21 -12.57 -22.94
CA VAL A 108 13.38 -12.60 -24.36
C VAL A 108 13.37 -14.05 -24.87
N ALA A 109 14.06 -14.93 -24.19
CA ALA A 109 14.18 -16.32 -24.66
C ALA A 109 12.80 -16.99 -24.66
N MET A 110 12.03 -16.75 -23.60
CA MET A 110 10.69 -17.32 -23.52
C MET A 110 9.77 -16.71 -24.57
N VAL A 111 9.72 -15.35 -24.69
CA VAL A 111 8.74 -14.78 -25.64
C VAL A 111 9.04 -15.18 -27.11
N ARG A 112 10.31 -15.34 -27.46
N ARG A 112 10.32 -15.33 -27.46
CA ARG A 112 10.65 -15.77 -28.85
CA ARG A 112 10.66 -15.76 -28.86
C ARG A 112 9.97 -17.08 -29.16
C ARG A 112 10.04 -17.10 -29.17
N ARG A 113 9.90 -17.95 -28.16
CA ARG A 113 9.29 -19.29 -28.33
C ARG A 113 7.77 -19.25 -28.30
N LEU A 114 7.23 -18.29 -27.50
CA LEU A 114 5.83 -18.14 -27.41
C LEU A 114 5.20 -17.56 -28.68
N ALA A 115 5.90 -16.66 -29.37
CA ALA A 115 5.34 -15.91 -30.49
C ALA A 115 4.61 -16.78 -31.52
N PRO A 116 5.27 -17.87 -32.01
CA PRO A 116 4.50 -18.67 -33.00
C PRO A 116 3.28 -19.39 -32.49
N VAL A 117 3.30 -19.75 -31.21
CA VAL A 117 2.13 -20.32 -30.55
C VAL A 117 1.00 -19.29 -30.40
N ALA A 118 1.34 -18.06 -30.02
CA ALA A 118 0.41 -16.95 -30.05
C ALA A 118 -0.16 -16.75 -31.43
N GLN A 119 0.68 -16.78 -32.47
CA GLN A 119 0.14 -16.60 -33.79
C GLN A 119 -0.82 -17.74 -34.20
N GLU A 120 -0.46 -18.97 -33.90
N GLU A 120 -0.45 -18.97 -33.94
CA GLU A 120 -1.23 -20.15 -34.34
CA GLU A 120 -1.26 -20.10 -34.37
C GLU A 120 -2.46 -20.50 -33.48
C GLU A 120 -2.53 -20.26 -33.50
N LYS A 121 -2.36 -20.30 -32.17
CA LYS A 121 -3.43 -20.67 -31.24
C LYS A 121 -4.17 -19.48 -30.59
N GLY A 122 -3.58 -18.32 -30.58
CA GLY A 122 -4.15 -17.08 -29.99
C GLY A 122 -3.94 -16.95 -28.46
N VAL A 123 -3.08 -17.77 -27.87
CA VAL A 123 -2.68 -17.51 -26.47
C VAL A 123 -2.16 -16.06 -26.33
N LEU A 124 -2.44 -15.40 -25.20
CA LEU A 124 -2.07 -14.04 -24.93
C LEU A 124 -1.01 -13.97 -23.86
N LEU A 125 -0.09 -13.05 -24.02
CA LEU A 125 1.04 -12.89 -23.08
C LEU A 125 0.74 -11.82 -22.03
N GLU A 126 0.94 -12.16 -20.77
CA GLU A 126 1.03 -11.19 -19.64
C GLU A 126 2.40 -11.27 -19.07
N LEU A 127 3.16 -10.17 -19.19
CA LEU A 127 4.51 -10.10 -18.74
C LEU A 127 4.49 -9.57 -17.32
N ASN A 128 5.04 -10.34 -16.39
CA ASN A 128 4.99 -9.97 -14.96
C ASN A 128 6.29 -9.28 -14.59
N LEU A 129 6.18 -7.99 -14.32
CA LEU A 129 7.41 -7.27 -13.85
C LEU A 129 7.87 -7.55 -12.41
N SER A 130 7.10 -8.18 -11.55
CA SER A 130 7.56 -8.46 -10.15
C SER A 130 8.53 -9.64 -10.08
N CYS A 131 9.45 -9.64 -9.12
CA CYS A 131 10.49 -10.66 -9.07
C CYS A 131 11.06 -10.76 -7.64
N PRO A 132 11.84 -11.84 -7.38
CA PRO A 132 12.49 -11.82 -6.05
C PRO A 132 13.40 -10.64 -5.81
N ASN A 133 13.55 -10.27 -4.52
CA ASN A 133 14.44 -9.18 -4.15
C ASN A 133 15.85 -9.51 -4.60
N VAL A 134 16.51 -8.48 -5.16
CA VAL A 134 17.96 -8.52 -5.41
C VAL A 134 18.59 -7.39 -4.63
N PRO A 135 19.33 -7.70 -3.59
CA PRO A 135 19.90 -6.61 -2.77
C PRO A 135 20.66 -5.54 -3.61
N GLY A 136 20.34 -4.28 -3.36
CA GLY A 136 21.01 -3.22 -4.02
C GLY A 136 20.25 -2.64 -5.18
N LYS A 137 19.15 -3.27 -5.57
CA LYS A 137 18.33 -2.64 -6.65
C LYS A 137 16.83 -2.92 -6.46
N PRO A 138 15.95 -2.02 -6.99
CA PRO A 138 14.51 -2.12 -6.76
C PRO A 138 13.86 -3.11 -7.71
N GLN A 139 12.65 -3.52 -7.40
CA GLN A 139 11.82 -4.20 -8.35
C GLN A 139 11.80 -3.47 -9.67
N VAL A 140 11.73 -4.23 -10.77
CA VAL A 140 11.81 -3.70 -12.12
C VAL A 140 10.84 -2.59 -12.33
N ALA A 141 9.58 -2.74 -11.91
CA ALA A 141 8.63 -1.64 -12.28
C ALA A 141 8.80 -0.45 -11.41
N TYR A 142 9.66 -0.55 -10.36
CA TYR A 142 10.00 0.58 -9.53
C TYR A 142 11.34 1.22 -9.89
N ASP A 143 11.92 0.69 -10.97
CA ASP A 143 13.18 1.18 -11.60
C ASP A 143 12.82 1.51 -13.06
N PHE A 144 12.49 2.77 -13.36
CA PHE A 144 11.84 3.04 -14.64
C PHE A 144 12.77 2.77 -15.83
N GLU A 145 14.08 2.92 -15.64
CA GLU A 145 15.00 2.57 -16.73
C GLU A 145 15.05 1.07 -16.95
N ALA A 146 15.01 0.29 -15.90
CA ALA A 146 15.00 -1.15 -16.09
C ALA A 146 13.69 -1.56 -16.80
N MET A 147 12.58 -0.98 -16.34
CA MET A 147 11.29 -1.27 -16.95
C MET A 147 11.29 -0.99 -18.44
N ARG A 148 11.79 0.18 -18.84
CA ARG A 148 11.84 0.57 -20.23
C ARG A 148 12.67 -0.47 -21.06
N THR A 149 13.78 -0.89 -20.47
CA THR A 149 14.58 -1.98 -21.11
C THR A 149 13.89 -3.28 -21.29
N TYR A 150 13.24 -3.79 -20.23
CA TYR A 150 12.48 -4.97 -20.35
C TYR A 150 11.47 -4.81 -21.46
N LEU A 151 10.70 -3.71 -21.49
CA LEU A 151 9.63 -3.59 -22.47
C LEU A 151 10.18 -3.45 -23.89
N GLN A 152 11.28 -2.73 -24.05
N GLN A 152 11.28 -2.71 -24.07
CA GLN A 152 11.90 -2.57 -25.37
CA GLN A 152 11.90 -2.60 -25.41
C GLN A 152 12.42 -3.90 -25.91
C GLN A 152 12.29 -3.98 -25.94
N GLN A 153 13.03 -4.69 -25.05
N GLN A 153 13.01 -4.70 -25.12
CA GLN A 153 13.58 -5.99 -25.45
CA GLN A 153 13.57 -6.00 -25.50
C GLN A 153 12.46 -7.03 -25.73
C GLN A 153 12.48 -7.07 -25.72
N VAL A 154 11.44 -7.10 -24.86
CA VAL A 154 10.32 -7.99 -25.07
C VAL A 154 9.56 -7.62 -26.28
N SER A 155 9.26 -6.33 -26.46
CA SER A 155 8.55 -5.89 -27.65
C SER A 155 9.27 -6.40 -28.93
N LEU A 156 10.58 -6.22 -28.99
CA LEU A 156 11.36 -6.54 -30.18
C LEU A 156 11.38 -8.06 -30.40
N ALA A 157 11.55 -8.79 -29.31
CA ALA A 157 11.63 -10.27 -29.36
C ALA A 157 10.27 -10.94 -29.70
N TYR A 158 9.15 -10.37 -29.22
CA TYR A 158 7.84 -10.96 -29.36
C TYR A 158 7.15 -10.50 -30.59
N GLY A 159 7.10 -9.19 -30.76
CA GLY A 159 6.52 -8.66 -31.97
C GLY A 159 5.04 -8.66 -32.12
N LEU A 160 4.29 -9.00 -31.06
CA LEU A 160 2.85 -9.16 -31.12
C LEU A 160 2.28 -8.38 -29.89
N PRO A 161 1.03 -8.06 -29.91
CA PRO A 161 0.36 -7.39 -28.77
C PRO A 161 0.50 -8.21 -27.51
N PHE A 162 0.78 -7.55 -26.38
CA PHE A 162 0.93 -8.27 -25.10
C PHE A 162 0.54 -7.31 -23.96
N GLY A 163 0.51 -7.83 -22.75
CA GLY A 163 0.22 -7.00 -21.59
C GLY A 163 1.25 -7.09 -20.54
N VAL A 164 1.14 -6.22 -19.55
CA VAL A 164 2.11 -6.13 -18.50
C VAL A 164 1.38 -6.03 -17.13
N LYS A 165 1.78 -6.92 -16.26
CA LYS A 165 1.28 -6.96 -14.87
C LYS A 165 2.15 -6.06 -14.02
N MET A 166 1.51 -5.06 -13.38
CA MET A 166 2.22 -4.02 -12.64
C MET A 166 1.98 -4.11 -11.14
N PRO A 167 2.98 -3.80 -10.35
CA PRO A 167 2.76 -3.53 -8.97
C PRO A 167 2.10 -2.19 -8.80
N PRO A 168 1.53 -1.96 -7.59
CA PRO A 168 0.86 -0.68 -7.33
C PRO A 168 1.86 0.42 -7.15
N TYR A 169 1.41 1.62 -7.53
CA TYR A 169 2.13 2.84 -7.22
C TYR A 169 1.29 3.69 -6.30
N PHE A 170 1.96 4.62 -5.61
CA PHE A 170 1.35 5.37 -4.50
C PHE A 170 1.58 6.85 -4.56
N ASP A 171 2.09 7.29 -5.70
CA ASP A 171 2.59 8.66 -5.85
C ASP A 171 2.21 9.10 -7.28
N ILE A 172 1.63 10.30 -7.40
CA ILE A 172 1.13 10.73 -8.68
C ILE A 172 2.26 10.91 -9.67
N ALA A 173 3.43 11.39 -9.23
CA ALA A 173 4.55 11.52 -10.18
C ALA A 173 4.96 10.13 -10.70
N HIS A 174 4.90 9.11 -9.84
CA HIS A 174 5.20 7.73 -10.28
C HIS A 174 4.17 7.27 -11.31
N PHE A 175 2.88 7.55 -11.07
CA PHE A 175 1.86 7.22 -12.09
C PHE A 175 2.24 7.87 -13.43
N ASP A 176 2.59 9.16 -13.38
CA ASP A 176 2.93 9.89 -14.61
C ASP A 176 4.15 9.24 -15.32
N THR A 177 5.17 8.82 -14.56
CA THR A 177 6.39 8.31 -15.15
C THR A 177 6.17 6.92 -15.69
N ALA A 178 5.44 6.11 -14.92
CA ALA A 178 5.18 4.70 -15.32
C ALA A 178 4.31 4.69 -16.55
N ALA A 179 3.31 5.55 -16.63
CA ALA A 179 2.40 5.52 -17.79
C ALA A 179 3.14 6.00 -19.05
N ALA A 180 4.02 7.00 -18.87
CA ALA A 180 4.85 7.53 -20.00
C ALA A 180 5.70 6.40 -20.51
N VAL A 181 6.32 5.62 -19.64
CA VAL A 181 7.09 4.44 -20.10
C VAL A 181 6.19 3.52 -20.89
N LEU A 182 5.07 3.07 -20.31
CA LEU A 182 4.20 2.15 -20.98
C LEU A 182 3.74 2.64 -22.35
N ASN A 183 3.45 3.93 -22.47
CA ASN A 183 2.96 4.48 -23.71
C ASN A 183 4.02 4.62 -24.82
N GLU A 184 5.28 4.37 -24.51
CA GLU A 184 6.38 4.29 -25.51
C GLU A 184 6.23 3.04 -26.34
N PHE A 185 5.48 2.05 -25.84
CA PHE A 185 5.42 0.71 -26.44
C PHE A 185 4.07 0.37 -27.00
N PRO A 186 3.89 0.54 -28.30
CA PRO A 186 2.61 0.33 -28.82
C PRO A 186 2.10 -1.13 -28.80
N LEU A 187 3.04 -2.07 -28.68
CA LEU A 187 2.62 -3.48 -28.58
C LEU A 187 2.04 -3.82 -27.18
N VAL A 188 2.22 -2.92 -26.19
CA VAL A 188 1.68 -3.19 -24.87
C VAL A 188 0.25 -2.75 -24.96
N LYS A 189 -0.66 -3.70 -25.11
CA LYS A 189 -2.07 -3.43 -25.36
C LYS A 189 -2.93 -3.49 -24.10
N PHE A 190 -2.41 -4.07 -23.01
CA PHE A 190 -3.16 -4.07 -21.79
C PHE A 190 -2.18 -3.99 -20.62
N VAL A 191 -2.69 -3.37 -19.53
CA VAL A 191 -1.90 -3.13 -18.34
C VAL A 191 -2.77 -3.80 -17.27
N THR A 192 -2.23 -4.69 -16.44
CA THR A 192 -3.05 -5.28 -15.36
C THR A 192 -2.58 -4.63 -14.08
N CYS A 193 -3.54 -4.02 -13.38
CA CYS A 193 -3.27 -3.23 -12.16
C CYS A 193 -4.16 -3.86 -11.11
N VAL A 194 -3.68 -4.54 -10.05
CA VAL A 194 -2.35 -4.54 -9.59
C VAL A 194 -1.92 -5.94 -9.11
N ASN A 195 -0.61 -6.12 -9.06
CA ASN A 195 0.01 -7.21 -8.24
C ASN A 195 -0.19 -6.90 -6.74
N SER A 196 0.26 -7.78 -5.90
CA SER A 196 0.10 -7.61 -4.47
C SER A 196 0.78 -6.37 -3.98
N VAL A 197 0.28 -5.84 -2.90
CA VAL A 197 0.91 -4.66 -2.26
C VAL A 197 2.15 -5.21 -1.48
N GLY A 198 3.33 -4.80 -1.92
CA GLY A 198 4.54 -5.47 -1.57
C GLY A 198 4.92 -5.37 -0.11
N ASN A 199 5.50 -6.47 0.37
CA ASN A 199 6.17 -6.50 1.68
C ASN A 199 5.35 -5.95 2.85
N GLY A 200 4.13 -6.39 3.01
CA GLY A 200 3.41 -6.30 4.29
C GLY A 200 3.91 -7.34 5.26
N LEU A 201 3.38 -7.25 6.47
CA LEU A 201 3.80 -8.11 7.59
C LEU A 201 2.59 -8.37 8.44
N VAL A 202 2.17 -9.66 8.49
CA VAL A 202 1.09 -10.07 9.33
C VAL A 202 1.71 -10.83 10.54
N ILE A 203 1.23 -10.46 11.71
CA ILE A 203 1.69 -10.99 12.99
C ILE A 203 0.48 -11.55 13.71
N ASP A 204 0.63 -12.74 14.22
CA ASP A 204 -0.39 -13.39 15.09
C ASP A 204 -0.16 -13.04 16.56
N ALA A 205 -1.14 -12.40 17.15
CA ALA A 205 -0.99 -11.97 18.54
C ALA A 205 -0.80 -13.11 19.53
N GLU A 206 -1.50 -14.19 19.35
CA GLU A 206 -1.38 -15.25 20.32
C GLU A 206 0.00 -15.91 20.38
N SER A 207 0.51 -16.26 19.21
CA SER A 207 1.78 -16.85 19.09
C SER A 207 2.98 -15.89 19.09
N GLU A 208 2.68 -14.60 18.93
CA GLU A 208 3.66 -13.51 18.84
C GLU A 208 4.62 -13.72 17.66
N SER A 209 4.11 -14.30 16.58
N SER A 209 4.13 -14.34 16.60
CA SER A 209 4.89 -14.79 15.49
CA SER A 209 4.97 -14.72 15.51
C SER A 209 4.38 -14.25 14.18
C SER A 209 4.40 -14.26 14.19
N VAL A 210 5.28 -14.03 13.25
CA VAL A 210 4.87 -13.86 11.82
C VAL A 210 4.15 -15.15 11.35
N VAL A 211 3.45 -15.09 10.21
CA VAL A 211 2.65 -16.19 9.81
C VAL A 211 3.09 -16.92 8.54
N ILE A 212 4.07 -16.36 7.84
CA ILE A 212 4.77 -17.01 6.77
C ILE A 212 6.28 -17.08 7.06
N LYS A 213 6.87 -18.19 6.59
CA LYS A 213 8.26 -18.49 6.83
C LYS A 213 9.30 -17.70 6.05
N PRO A 214 9.10 -17.47 4.75
CA PRO A 214 10.13 -16.76 4.03
C PRO A 214 10.20 -15.28 4.41
N LYS A 215 11.37 -14.69 4.18
CA LYS A 215 11.53 -13.26 4.26
C LYS A 215 11.20 -12.71 5.61
N GLN A 216 11.43 -13.49 6.68
CA GLN A 216 11.09 -13.03 8.05
C GLN A 216 9.64 -12.57 8.21
N GLY A 217 8.77 -13.18 7.40
CA GLY A 217 7.33 -12.98 7.46
C GLY A 217 6.81 -11.93 6.51
N PHE A 218 7.66 -11.26 5.78
CA PHE A 218 7.26 -10.18 4.85
C PHE A 218 6.73 -10.80 3.53
N GLY A 219 5.63 -10.29 3.04
CA GLY A 219 5.06 -10.81 1.78
C GLY A 219 4.04 -9.91 1.22
N GLY A 220 3.63 -10.24 0.01
CA GLY A 220 2.71 -9.40 -0.72
C GLY A 220 1.30 -9.60 -0.18
N LEU A 221 0.59 -8.47 -0.08
CA LEU A 221 -0.82 -8.44 0.41
C LEU A 221 -1.81 -8.43 -0.72
N GLY A 222 -2.82 -9.22 -0.56
CA GLY A 222 -3.99 -9.19 -1.39
C GLY A 222 -5.27 -9.16 -0.60
N GLY A 223 -6.38 -9.01 -1.33
CA GLY A 223 -7.67 -9.07 -0.76
C GLY A 223 -8.24 -7.70 -0.33
N LYS A 224 -9.05 -7.72 0.72
N LYS A 224 -9.05 -7.72 0.73
CA LYS A 224 -9.78 -6.49 1.10
CA LYS A 224 -9.76 -6.48 1.16
C LYS A 224 -8.88 -5.33 1.49
C LYS A 224 -8.87 -5.34 1.47
N TYR A 225 -7.69 -5.63 2.03
CA TYR A 225 -6.75 -4.62 2.35
C TYR A 225 -6.46 -3.66 1.18
N ILE A 226 -6.53 -4.19 -0.10
CA ILE A 226 -5.86 -3.53 -1.21
C ILE A 226 -6.84 -2.96 -2.24
N LEU A 227 -8.13 -3.06 -1.94
CA LEU A 227 -9.17 -2.64 -2.98
C LEU A 227 -9.03 -1.16 -3.35
N PRO A 228 -8.94 -0.23 -2.36
CA PRO A 228 -8.81 1.16 -2.81
C PRO A 228 -7.47 1.53 -3.57
N THR A 229 -6.38 0.84 -3.20
CA THR A 229 -5.12 0.90 -3.89
C THR A 229 -5.29 0.38 -5.33
N ALA A 230 -5.94 -0.73 -5.48
CA ALA A 230 -6.18 -1.32 -6.82
C ALA A 230 -7.04 -0.43 -7.69
N LEU A 231 -8.13 0.08 -7.14
CA LEU A 231 -8.99 1.00 -7.90
C LEU A 231 -8.25 2.26 -8.32
N ALA A 232 -7.36 2.78 -7.48
CA ALA A 232 -6.65 3.98 -7.83
C ALA A 232 -5.67 3.73 -8.97
N ASN A 233 -4.98 2.57 -8.96
CA ASN A 233 -4.09 2.30 -10.02
C ASN A 233 -4.82 2.00 -11.31
N VAL A 234 -5.93 1.28 -11.19
CA VAL A 234 -6.74 1.03 -12.41
C VAL A 234 -7.14 2.39 -13.01
N ASN A 235 -7.66 3.26 -12.23
CA ASN A 235 -8.13 4.55 -12.75
C ASN A 235 -6.99 5.45 -13.26
N ALA A 236 -5.86 5.45 -12.53
CA ALA A 236 -4.76 6.28 -12.93
C ALA A 236 -4.25 5.89 -14.26
N PHE A 237 -4.13 4.55 -14.50
CA PHE A 237 -3.67 4.07 -15.80
C PHE A 237 -4.75 4.15 -16.88
N TYR A 238 -6.00 4.02 -16.53
CA TYR A 238 -7.09 4.17 -17.50
C TYR A 238 -7.04 5.57 -18.02
N ARG A 239 -6.86 6.54 -17.13
CA ARG A 239 -6.79 7.94 -17.55
C ARG A 239 -5.51 8.26 -18.40
N ARG A 240 -4.39 7.63 -18.10
CA ARG A 240 -3.08 7.97 -18.69
C ARG A 240 -2.77 7.20 -19.96
N CYS A 241 -3.53 6.13 -20.19
CA CYS A 241 -3.20 5.18 -21.30
C CYS A 241 -4.44 4.96 -22.13
N PRO A 242 -4.86 6.03 -22.82
CA PRO A 242 -6.12 5.91 -23.52
C PRO A 242 -6.13 4.96 -24.73
N ASP A 243 -4.99 4.61 -25.26
CA ASP A 243 -4.90 3.61 -26.31
C ASP A 243 -4.63 2.17 -25.83
N LYS A 244 -4.69 1.94 -24.51
CA LYS A 244 -4.50 0.62 -23.97
C LYS A 244 -5.76 0.20 -23.21
N LEU A 245 -5.89 -1.07 -22.96
CA LEU A 245 -6.87 -1.59 -22.07
C LEU A 245 -6.22 -1.68 -20.66
N VAL A 246 -7.06 -1.60 -19.62
CA VAL A 246 -6.61 -1.88 -18.26
C VAL A 246 -7.41 -3.04 -17.74
N PHE A 247 -6.71 -4.02 -17.14
CA PHE A 247 -7.31 -5.15 -16.47
C PHE A 247 -7.24 -4.86 -14.99
N GLY A 248 -8.35 -4.99 -14.23
CA GLY A 248 -8.28 -4.74 -12.79
C GLY A 248 -8.00 -6.00 -12.03
N CYS A 249 -7.21 -5.90 -10.99
CA CYS A 249 -6.95 -7.00 -10.08
C CYS A 249 -6.74 -6.35 -8.71
N GLY A 250 -7.41 -6.86 -7.72
CA GLY A 250 -7.12 -6.53 -6.32
C GLY A 250 -8.40 -6.32 -5.58
N GLY A 251 -8.64 -7.14 -4.58
CA GLY A 251 -9.72 -6.94 -3.69
C GLY A 251 -11.11 -7.26 -4.19
N VAL A 252 -11.21 -8.09 -5.25
CA VAL A 252 -12.55 -8.46 -5.71
C VAL A 252 -13.08 -9.64 -4.97
N TYR A 253 -14.14 -9.45 -4.19
CA TYR A 253 -14.85 -10.55 -3.53
C TYR A 253 -16.31 -10.68 -3.98
N SER A 254 -16.82 -9.68 -4.67
CA SER A 254 -18.29 -9.58 -4.95
C SER A 254 -18.46 -8.91 -6.28
N GLY A 255 -19.63 -9.04 -6.88
CA GLY A 255 -20.01 -8.29 -8.06
C GLY A 255 -19.96 -6.79 -7.88
N GLU A 256 -20.21 -6.33 -6.67
CA GLU A 256 -20.07 -4.91 -6.35
C GLU A 256 -18.60 -4.45 -6.53
N ASP A 257 -17.69 -5.26 -5.99
CA ASP A 257 -16.27 -4.92 -6.13
C ASP A 257 -15.83 -4.89 -7.59
N ALA A 258 -16.32 -5.86 -8.37
CA ALA A 258 -16.11 -5.85 -9.81
C ALA A 258 -16.70 -4.64 -10.51
N PHE A 259 -17.86 -4.29 -10.09
CA PHE A 259 -18.55 -3.07 -10.59
C PHE A 259 -17.65 -1.83 -10.38
N LEU A 260 -17.06 -1.70 -9.20
CA LEU A 260 -16.20 -0.60 -8.93
C LEU A 260 -14.94 -0.62 -9.80
N HIS A 261 -14.31 -1.80 -9.97
CA HIS A 261 -13.22 -1.88 -10.89
C HIS A 261 -13.57 -1.43 -12.31
N ILE A 262 -14.73 -1.86 -12.80
CA ILE A 262 -15.14 -1.48 -14.15
C ILE A 262 -15.43 0.04 -14.25
N LEU A 263 -16.05 0.57 -13.24
CA LEU A 263 -16.28 2.05 -13.16
C LEU A 263 -14.99 2.81 -13.22
N ALA A 264 -13.94 2.24 -12.60
CA ALA A 264 -12.63 2.83 -12.58
C ALA A 264 -11.90 2.73 -13.89
N GLY A 265 -12.33 1.78 -14.74
CA GLY A 265 -11.77 1.64 -16.06
C GLY A 265 -11.44 0.19 -16.48
N ALA A 266 -11.65 -0.80 -15.64
CA ALA A 266 -11.24 -2.19 -15.98
C ALA A 266 -12.08 -2.79 -17.13
N SER A 267 -11.34 -3.51 -18.00
CA SER A 267 -11.97 -4.29 -19.08
C SER A 267 -12.15 -5.70 -18.57
N MET A 268 -11.10 -6.38 -18.21
CA MET A 268 -11.23 -7.66 -17.50
C MET A 268 -10.98 -7.39 -16.01
N VAL A 269 -11.49 -8.29 -15.16
CA VAL A 269 -11.44 -8.23 -13.69
C VAL A 269 -10.88 -9.61 -13.26
N GLN A 270 -9.76 -9.56 -12.55
CA GLN A 270 -9.05 -10.74 -12.13
C GLN A 270 -9.31 -10.93 -10.61
N VAL A 271 -9.36 -12.19 -10.19
CA VAL A 271 -9.71 -12.54 -8.85
C VAL A 271 -8.63 -13.46 -8.29
N GLY A 272 -7.96 -13.01 -7.20
CA GLY A 272 -6.84 -13.73 -6.63
C GLY A 272 -7.24 -14.37 -5.28
N THR A 273 -7.05 -13.62 -4.20
CA THR A 273 -7.33 -14.08 -2.80
C THR A 273 -8.72 -14.68 -2.69
N ALA A 274 -9.74 -14.02 -3.22
CA ALA A 274 -11.08 -14.53 -2.97
C ALA A 274 -11.34 -15.89 -3.70
N LEU A 275 -10.67 -16.06 -4.80
CA LEU A 275 -10.69 -17.30 -5.58
C LEU A 275 -9.92 -18.37 -4.80
N GLN A 276 -8.76 -18.03 -4.29
CA GLN A 276 -7.97 -18.98 -3.48
C GLN A 276 -8.85 -19.46 -2.31
N GLU A 277 -9.63 -18.56 -1.70
CA GLU A 277 -10.36 -18.90 -0.52
C GLU A 277 -11.67 -19.60 -0.79
N GLU A 278 -12.39 -19.22 -1.86
CA GLU A 278 -13.72 -19.70 -2.13
C GLU A 278 -13.75 -20.84 -3.16
N GLY A 279 -12.79 -20.89 -4.03
CA GLY A 279 -12.74 -21.82 -5.10
C GLY A 279 -13.48 -21.30 -6.32
N PRO A 280 -13.48 -22.04 -7.41
CA PRO A 280 -13.94 -21.58 -8.69
C PRO A 280 -15.45 -21.36 -8.83
N GLY A 281 -16.24 -21.88 -7.89
CA GLY A 281 -17.66 -21.52 -7.80
C GLY A 281 -17.82 -20.03 -7.68
N ILE A 282 -16.79 -19.30 -7.23
CA ILE A 282 -16.94 -17.87 -7.06
C ILE A 282 -17.37 -17.19 -8.35
N PHE A 283 -16.98 -17.74 -9.50
CA PHE A 283 -17.25 -17.06 -10.75
C PHE A 283 -18.72 -16.98 -11.12
N THR A 284 -19.52 -17.97 -10.75
CA THR A 284 -20.95 -17.89 -11.02
C THR A 284 -21.59 -16.84 -10.15
N ARG A 285 -21.16 -16.75 -8.89
CA ARG A 285 -21.66 -15.77 -7.94
C ARG A 285 -21.29 -14.35 -8.41
N LEU A 286 -20.04 -14.11 -8.81
CA LEU A 286 -19.64 -12.78 -9.23
C LEU A 286 -20.42 -12.29 -10.45
N GLU A 287 -20.62 -13.19 -11.40
CA GLU A 287 -21.44 -12.91 -12.59
C GLU A 287 -22.85 -12.55 -12.22
N ASP A 288 -23.43 -13.34 -11.32
CA ASP A 288 -24.84 -13.11 -10.91
C ASP A 288 -24.96 -11.78 -10.22
N GLU A 289 -23.98 -11.51 -9.33
CA GLU A 289 -24.01 -10.28 -8.59
C GLU A 289 -23.82 -9.05 -9.44
N LEU A 290 -22.89 -9.11 -10.37
CA LEU A 290 -22.60 -8.01 -11.28
C LEU A 290 -23.85 -7.74 -12.14
N LEU A 291 -24.50 -8.82 -12.63
CA LEU A 291 -25.68 -8.61 -13.47
C LEU A 291 -26.83 -8.04 -12.68
N GLU A 292 -26.92 -8.35 -11.38
CA GLU A 292 -27.99 -7.81 -10.55
C GLU A 292 -27.79 -6.32 -10.33
N ILE A 293 -26.57 -5.90 -10.05
CA ILE A 293 -26.29 -4.47 -9.83
C ILE A 293 -26.56 -3.70 -11.13
N MET A 294 -26.15 -4.27 -12.26
CA MET A 294 -26.47 -3.65 -13.59
C MET A 294 -27.98 -3.48 -13.75
N ALA A 295 -28.71 -4.56 -13.53
CA ALA A 295 -30.18 -4.52 -13.68
C ALA A 295 -30.82 -3.44 -12.82
N ARG A 296 -30.38 -3.37 -11.55
CA ARG A 296 -30.96 -2.42 -10.60
C ARG A 296 -30.72 -1.00 -11.15
N LYS A 297 -29.57 -0.78 -11.79
CA LYS A 297 -29.17 0.54 -12.30
C LYS A 297 -29.68 0.86 -13.72
N GLY A 298 -30.18 -0.13 -14.42
CA GLY A 298 -30.55 0.06 -15.82
C GLY A 298 -29.46 -0.04 -16.82
N TYR A 299 -28.30 -0.64 -16.46
CA TYR A 299 -27.24 -0.76 -17.43
C TYR A 299 -27.42 -2.09 -18.15
N ARG A 300 -27.33 -2.07 -19.46
CA ARG A 300 -27.39 -3.29 -20.24
C ARG A 300 -26.02 -3.82 -20.73
N THR A 301 -24.97 -2.97 -20.69
CA THR A 301 -23.69 -3.30 -21.15
C THR A 301 -22.67 -2.83 -20.16
N LEU A 302 -21.48 -3.43 -20.22
CA LEU A 302 -20.33 -2.90 -19.46
C LEU A 302 -19.80 -1.62 -20.01
N GLU A 303 -19.84 -1.44 -21.35
CA GLU A 303 -19.37 -0.22 -21.94
C GLU A 303 -20.16 1.02 -21.46
N GLU A 304 -21.40 0.86 -21.00
N GLU A 304 -21.40 0.86 -21.02
CA GLU A 304 -22.23 2.00 -20.56
CA GLU A 304 -22.18 2.00 -20.59
C GLU A 304 -21.72 2.66 -19.27
C GLU A 304 -21.51 2.72 -19.42
N PHE A 305 -20.88 1.93 -18.56
CA PHE A 305 -20.27 2.47 -17.33
C PHE A 305 -18.79 2.27 -17.14
N ARG A 306 -18.10 1.58 -18.02
CA ARG A 306 -16.64 1.41 -17.86
C ARG A 306 -15.95 2.77 -17.90
N GLY A 307 -15.15 3.04 -16.87
CA GLY A 307 -14.37 4.22 -16.77
C GLY A 307 -15.21 5.46 -16.40
N ARG A 308 -16.50 5.27 -16.12
N ARG A 308 -16.49 5.28 -16.10
CA ARG A 308 -17.41 6.39 -15.92
CA ARG A 308 -17.33 6.46 -15.90
C ARG A 308 -17.56 6.86 -14.46
C ARG A 308 -17.63 6.74 -14.42
N VAL A 309 -16.65 6.42 -13.59
CA VAL A 309 -16.63 6.90 -12.19
C VAL A 309 -16.76 8.45 -12.23
N LYS A 310 -17.60 8.96 -11.40
CA LYS A 310 -17.85 10.39 -11.30
C LYS A 310 -16.94 11.05 -10.27
N THR A 311 -16.45 12.21 -10.61
CA THR A 311 -15.66 13.01 -9.64
C THR A 311 -16.56 14.12 -9.10
N ILE A 312 -16.11 14.81 -8.07
CA ILE A 312 -16.92 15.86 -7.45
C ILE A 312 -16.47 17.24 -7.90
N GLU A 313 -17.38 17.98 -8.54
N GLU A 313 -17.46 17.99 -8.42
CA GLU A 313 -17.14 19.30 -9.17
CA GLU A 313 -17.69 19.48 -8.29
C GLU A 313 -15.89 19.32 -10.02
C GLU A 313 -18.30 20.05 -9.57
N MET B 1 1.88 -4.70 36.71
CA MET B 1 1.90 -4.41 35.21
C MET B 1 1.92 -2.90 34.96
N CYS B 2 2.59 -2.52 33.90
CA CYS B 2 2.99 -1.15 33.70
C CYS B 2 3.11 -0.74 32.21
N LEU B 3 2.42 0.36 31.80
CA LEU B 3 2.53 0.84 30.42
C LEU B 3 3.52 2.00 30.28
N LYS B 4 4.22 2.39 31.36
CA LYS B 4 5.18 3.51 31.33
C LYS B 4 6.32 3.33 30.40
N LEU B 5 6.77 4.42 29.79
N LEU B 5 6.77 4.43 29.82
CA LEU B 5 8.01 4.44 29.02
CA LEU B 5 7.97 4.50 28.99
C LEU B 5 8.77 5.69 29.35
C LEU B 5 8.78 5.72 29.37
N ASN B 6 10.07 5.62 29.20
N ASN B 6 10.08 5.58 29.25
CA ASN B 6 10.97 6.73 29.49
CA ASN B 6 11.03 6.68 29.37
C ASN B 6 11.94 6.76 28.34
C ASN B 6 11.82 6.67 28.07
N LEU B 7 11.73 7.72 27.44
N LEU B 7 11.58 7.70 27.26
CA LEU B 7 12.51 7.81 26.22
CA LEU B 7 12.23 7.84 25.98
C LEU B 7 12.60 9.27 25.80
C LEU B 7 12.58 9.31 25.81
N LEU B 8 13.62 9.59 25.01
CA LEU B 8 13.86 10.97 24.57
C LEU B 8 13.90 11.95 25.73
N ASP B 9 14.36 11.47 26.88
N ASP B 9 14.43 11.48 26.87
CA ASP B 9 14.48 12.30 28.09
CA ASP B 9 14.50 12.26 28.13
C ASP B 9 13.14 12.77 28.67
C ASP B 9 13.13 12.84 28.57
N HIS B 10 12.06 12.09 28.25
CA HIS B 10 10.73 12.32 28.79
C HIS B 10 10.13 11.06 29.35
N VAL B 11 9.11 11.25 30.18
CA VAL B 11 8.37 10.13 30.76
C VAL B 11 6.95 10.15 30.26
N PHE B 12 6.49 8.99 29.85
CA PHE B 12 5.21 8.79 29.27
C PHE B 12 4.41 7.78 30.08
N ALA B 13 3.17 8.13 30.39
CA ALA B 13 2.33 7.25 31.16
C ALA B 13 2.01 5.92 30.47
N ASN B 14 1.96 6.02 29.12
CA ASN B 14 1.57 4.89 28.25
C ASN B 14 2.05 5.27 26.87
N PRO B 15 2.05 4.33 25.96
CA PRO B 15 2.63 4.63 24.64
C PRO B 15 1.68 5.29 23.67
N PHE B 16 0.45 5.55 24.05
CA PHE B 16 -0.58 6.00 23.02
C PHE B 16 -0.56 7.50 22.85
N MET B 17 -0.72 7.93 21.59
CA MET B 17 -0.86 9.35 21.30
C MET B 17 -1.65 9.46 20.03
N ASN B 18 -2.15 10.68 19.76
CA ASN B 18 -2.74 10.82 18.44
C ASN B 18 -1.73 10.74 17.32
N ALA B 19 -2.15 10.43 16.08
CA ALA B 19 -1.41 10.61 14.88
C ALA B 19 -1.55 12.07 14.40
N ALA B 20 -0.48 12.62 13.86
CA ALA B 20 -0.54 13.99 13.44
C ALA B 20 -1.68 14.17 12.44
N GLY B 21 -2.38 15.30 12.55
CA GLY B 21 -3.51 15.56 11.75
C GLY B 21 -4.85 15.28 12.40
N VAL B 22 -4.89 14.36 13.37
CA VAL B 22 -6.13 14.02 14.02
C VAL B 22 -6.21 14.66 15.39
N LEU B 23 -7.31 15.36 15.64
CA LEU B 23 -7.57 15.98 16.91
C LEU B 23 -6.45 16.81 17.44
N CYS B 24 -5.94 17.68 16.56
CA CYS B 24 -4.73 18.47 16.94
C CYS B 24 -4.50 19.75 16.21
N SER B 25 -5.52 20.29 15.56
CA SER B 25 -5.39 21.50 14.73
C SER B 25 -5.61 22.81 15.47
N THR B 26 -6.51 22.84 16.39
CA THR B 26 -6.89 24.08 17.13
C THR B 26 -6.46 23.97 18.56
N GLU B 27 -6.50 25.08 19.28
CA GLU B 27 -6.18 25.08 20.70
C GLU B 27 -7.20 24.17 21.42
N GLU B 28 -8.47 24.25 21.00
CA GLU B 28 -9.49 23.39 21.57
C GLU B 28 -9.07 21.87 21.42
N ASP B 29 -8.64 21.50 20.22
CA ASP B 29 -8.24 20.12 19.96
C ASP B 29 -7.08 19.71 20.89
N LEU B 30 -6.10 20.58 20.98
CA LEU B 30 -4.86 20.27 21.73
C LEU B 30 -5.19 20.14 23.22
N ARG B 31 -6.05 21.02 23.73
N ARG B 31 -6.04 21.04 23.74
CA ARG B 31 -6.53 20.91 25.10
CA ARG B 31 -6.56 20.91 25.11
C ARG B 31 -7.35 19.64 25.36
C ARG B 31 -7.26 19.57 25.32
N CYS B 32 -8.07 19.18 24.34
CA CYS B 32 -8.79 17.94 24.43
C CYS B 32 -7.86 16.76 24.47
N MET B 33 -6.86 16.74 23.60
CA MET B 33 -5.91 15.64 23.62
C MET B 33 -5.18 15.69 24.93
N THR B 34 -4.82 16.87 25.42
CA THR B 34 -4.09 16.90 26.72
C THR B 34 -4.96 16.34 27.88
N ALA B 35 -6.28 16.63 27.86
CA ALA B 35 -7.23 16.15 28.86
C ALA B 35 -7.46 14.66 28.83
N SER B 36 -7.21 14.05 27.66
CA SER B 36 -7.44 12.62 27.45
C SER B 36 -6.41 11.77 28.22
N SER B 37 -6.62 10.47 28.14
N SER B 37 -6.64 10.47 28.22
CA SER B 37 -5.70 9.52 28.79
CA SER B 37 -5.66 9.57 28.87
C SER B 37 -4.51 9.11 27.96
C SER B 37 -4.43 9.25 28.06
N SER B 38 -4.30 9.76 26.85
CA SER B 38 -3.10 9.49 26.05
C SER B 38 -1.80 9.78 26.75
N GLY B 39 -0.76 9.04 26.42
CA GLY B 39 0.53 9.30 27.06
C GLY B 39 1.28 10.51 26.45
N ALA B 40 0.89 10.98 25.23
CA ALA B 40 1.48 12.17 24.59
C ALA B 40 0.48 12.69 23.54
N LEU B 41 0.82 13.85 22.98
CA LEU B 41 0.09 14.35 21.84
C LEU B 41 1.05 14.96 20.88
N VAL B 42 0.60 15.07 19.64
CA VAL B 42 1.37 15.74 18.56
C VAL B 42 0.44 16.78 17.88
N SER B 43 0.97 17.98 17.58
CA SER B 43 0.16 18.99 16.87
C SER B 43 0.06 18.72 15.39
N LYS B 44 -0.94 19.30 14.75
CA LYS B 44 -1.11 19.24 13.34
C LYS B 44 0.11 19.72 12.59
N SER B 45 0.50 18.99 11.53
CA SER B 45 1.63 19.39 10.70
C SER B 45 1.37 20.81 10.26
N CYS B 46 2.38 21.66 10.41
CA CYS B 46 2.20 23.08 10.09
C CYS B 46 3.16 23.58 9.01
N THR B 47 2.75 24.74 8.50
CA THR B 47 3.46 25.48 7.49
C THR B 47 3.72 26.87 8.06
N SER B 48 4.62 27.64 7.44
CA SER B 48 4.94 28.98 7.90
C SER B 48 3.72 29.82 8.00
N ALA B 49 2.93 29.79 6.96
CA ALA B 49 1.66 30.53 6.92
C ALA B 49 0.45 29.63 7.23
N PRO B 50 -0.64 30.24 7.76
CA PRO B 50 -1.88 29.44 7.93
C PRO B 50 -2.38 29.01 6.54
N ARG B 51 -3.06 27.87 6.52
CA ARG B 51 -3.63 27.32 5.27
C ARG B 51 -5.03 26.87 5.56
N ASP B 52 -5.92 27.10 4.55
CA ASP B 52 -7.29 26.62 4.61
C ASP B 52 -7.42 25.14 4.16
N GLY B 53 -6.46 24.68 3.40
CA GLY B 53 -6.44 23.30 2.89
C GLY B 53 -7.42 23.21 1.72
N ASN B 54 -7.63 21.98 1.32
CA ASN B 54 -8.44 21.67 0.13
C ASN B 54 -9.91 21.76 0.31
N PRO B 55 -10.62 21.85 -0.81
CA PRO B 55 -12.06 21.83 -0.67
C PRO B 55 -12.67 20.59 -0.12
N GLU B 56 -13.82 20.74 0.52
CA GLU B 56 -14.54 19.62 1.15
C GLU B 56 -15.53 19.04 0.15
N PRO B 57 -15.86 17.75 0.28
CA PRO B 57 -15.38 16.81 1.27
C PRO B 57 -13.94 16.36 1.00
N ARG B 58 -13.15 16.25 2.06
CA ARG B 58 -11.72 15.95 1.93
C ARG B 58 -11.28 14.84 2.86
N TYR B 59 -12.17 14.40 3.72
CA TYR B 59 -11.99 13.22 4.56
C TYR B 59 -13.24 12.41 4.56
N MET B 60 -13.12 11.08 4.42
CA MET B 60 -14.25 10.18 4.60
C MET B 60 -13.77 8.90 5.28
N ALA B 61 -14.63 8.38 6.13
CA ALA B 61 -14.35 7.10 6.82
C ALA B 61 -15.43 6.05 6.52
N PHE B 62 -14.98 4.83 6.65
CA PHE B 62 -15.74 3.60 6.28
C PHE B 62 -15.31 2.50 7.22
N PRO B 63 -16.03 1.35 7.16
CA PRO B 63 -15.71 0.27 8.10
C PRO B 63 -14.23 -0.18 8.13
N LEU B 64 -13.59 -0.19 6.97
CA LEU B 64 -12.19 -0.60 6.88
C LEU B 64 -11.16 0.51 6.98
N GLY B 65 -11.59 1.78 7.09
CA GLY B 65 -10.64 2.87 7.25
C GLY B 65 -11.08 4.16 6.67
N SER B 66 -10.11 4.99 6.31
CA SER B 66 -10.38 6.35 5.86
C SER B 66 -9.53 6.71 4.61
N ILE B 67 -9.97 7.75 3.92
CA ILE B 67 -9.28 8.37 2.87
C ILE B 67 -9.30 9.87 3.07
N ASN B 68 -8.19 10.54 2.80
CA ASN B 68 -8.11 11.99 2.95
C ASN B 68 -7.18 12.64 1.95
N SER B 69 -7.56 13.85 1.55
N SER B 69 -7.56 13.87 1.58
CA SER B 69 -6.68 14.77 0.88
CA SER B 69 -6.71 14.80 0.89
C SER B 69 -7.03 16.11 1.51
C SER B 69 -6.94 16.18 1.49
N MET B 70 -6.57 16.29 2.76
CA MET B 70 -6.88 17.51 3.50
C MET B 70 -6.23 18.74 2.88
N GLY B 71 -5.01 18.63 2.37
CA GLY B 71 -4.26 19.75 1.82
C GLY B 71 -3.53 20.57 2.87
N LEU B 72 -3.18 19.97 3.99
CA LEU B 72 -2.42 20.59 5.01
C LEU B 72 -3.10 21.89 5.57
N PRO B 73 -4.37 21.78 5.92
CA PRO B 73 -4.99 22.93 6.64
C PRO B 73 -4.39 23.04 8.06
N ASN B 74 -4.00 24.23 8.44
CA ASN B 74 -3.39 24.39 9.79
C ASN B 74 -3.37 25.87 10.12
N LEU B 75 -3.17 26.15 11.40
CA LEU B 75 -3.25 27.56 11.90
C LEU B 75 -1.91 28.34 11.75
N GLY B 76 -0.90 27.68 11.20
CA GLY B 76 0.41 28.30 10.92
C GLY B 76 1.34 28.06 12.08
N PHE B 77 2.61 28.10 11.79
CA PHE B 77 3.67 27.77 12.69
C PHE B 77 3.61 28.62 13.90
N ASP B 78 3.39 29.93 13.74
CA ASP B 78 3.41 30.74 14.93
C ASP B 78 2.41 30.26 16.00
N PHE B 79 1.20 29.91 15.61
CA PHE B 79 0.22 29.35 16.50
C PHE B 79 0.76 28.14 17.27
N TYR B 80 1.32 27.17 16.56
CA TYR B 80 1.78 25.94 17.25
C TYR B 80 2.99 26.19 18.11
N LEU B 81 3.85 27.12 17.69
CA LEU B 81 4.97 27.54 18.52
C LEU B 81 4.52 28.16 19.80
N LYS B 82 3.54 29.03 19.70
CA LYS B 82 2.95 29.66 20.91
C LYS B 82 2.30 28.67 21.81
N TYR B 83 1.60 27.68 21.23
CA TYR B 83 1.00 26.61 22.05
C TYR B 83 2.13 25.89 22.85
N ALA B 84 3.21 25.55 22.18
CA ALA B 84 4.31 24.84 22.79
C ALA B 84 5.02 25.72 23.87
N SER B 85 5.13 27.03 23.61
N SER B 85 5.11 27.03 23.60
CA SER B 85 5.95 27.89 24.47
CA SER B 85 5.96 27.89 24.40
C SER B 85 5.15 28.36 25.68
C SER B 85 5.19 28.43 25.61
N ASP B 86 3.88 28.67 25.47
CA ASP B 86 3.10 29.40 26.44
C ASP B 86 1.86 28.67 26.98
N LEU B 87 1.23 27.76 26.20
CA LEU B 87 -0.10 27.23 26.54
C LEU B 87 -0.06 25.80 27.07
N HIS B 88 0.80 24.96 26.53
CA HIS B 88 0.75 23.50 26.87
C HIS B 88 1.22 23.30 28.31
N ASP B 89 0.48 22.46 29.03
CA ASP B 89 0.91 22.03 30.35
C ASP B 89 1.72 20.75 30.25
N TYR B 90 3.03 20.90 30.35
CA TYR B 90 3.95 19.82 30.28
C TYR B 90 3.89 18.91 31.50
N SER B 91 3.23 19.33 32.55
CA SER B 91 3.04 18.41 33.68
C SER B 91 1.98 17.35 33.36
N LYS B 92 1.14 17.54 32.35
CA LYS B 92 0.19 16.56 31.99
C LYS B 92 0.80 15.42 31.16
N LYS B 93 1.49 15.79 30.10
CA LYS B 93 2.13 14.83 29.18
C LYS B 93 3.09 15.57 28.22
N PRO B 94 3.95 14.83 27.57
CA PRO B 94 4.81 15.44 26.57
C PRO B 94 4.09 15.83 25.30
N LEU B 95 4.63 16.83 24.67
CA LEU B 95 4.14 17.38 23.40
C LEU B 95 5.15 17.22 22.31
N PHE B 96 4.70 16.71 21.16
CA PHE B 96 5.41 16.75 19.92
C PHE B 96 4.77 17.83 18.99
N LEU B 97 5.62 18.50 18.22
CA LEU B 97 5.19 19.50 17.27
C LEU B 97 5.60 18.93 15.92
N SER B 98 4.63 18.78 15.03
CA SER B 98 4.90 18.29 13.69
C SER B 98 5.04 19.46 12.72
N ILE B 99 6.07 19.42 11.87
N ILE B 99 6.07 19.45 11.88
CA ILE B 99 6.39 20.47 10.90
CA ILE B 99 6.18 20.45 10.87
C ILE B 99 6.30 19.85 9.51
C ILE B 99 6.26 19.84 9.51
N SER B 100 5.66 20.53 8.56
CA SER B 100 5.61 19.99 7.22
C SER B 100 5.71 21.14 6.20
N GLY B 101 6.84 21.83 6.25
CA GLY B 101 7.17 22.85 5.25
C GLY B 101 7.06 22.36 3.82
N LEU B 102 6.69 23.26 2.94
CA LEU B 102 6.52 22.93 1.54
C LEU B 102 7.79 23.04 0.69
N SER B 103 8.90 23.39 1.35
CA SER B 103 10.23 23.42 0.74
C SER B 103 11.22 23.24 1.88
N VAL B 104 12.44 22.89 1.53
CA VAL B 104 13.48 22.78 2.57
C VAL B 104 13.69 24.10 3.28
N GLU B 105 13.66 25.23 2.55
CA GLU B 105 13.84 26.52 3.20
C GLU B 105 12.80 26.83 4.26
N GLU B 106 11.54 26.50 3.93
CA GLU B 106 10.43 26.70 4.88
C GLU B 106 10.69 25.88 6.16
N ASN B 107 11.07 24.61 5.99
CA ASN B 107 11.39 23.82 7.17
C ASN B 107 12.52 24.39 7.98
N VAL B 108 13.59 24.80 7.32
CA VAL B 108 14.73 25.42 8.03
C VAL B 108 14.29 26.65 8.82
N ALA B 109 13.46 27.49 8.23
CA ALA B 109 12.99 28.66 8.92
C ALA B 109 12.22 28.35 10.20
N MET B 110 11.32 27.35 10.12
CA MET B 110 10.57 26.93 11.28
C MET B 110 11.47 26.33 12.33
N VAL B 111 12.33 25.39 11.95
CA VAL B 111 13.10 24.65 12.99
C VAL B 111 14.07 25.62 13.72
N ARG B 112 14.56 26.60 13.01
CA ARG B 112 15.42 27.61 13.66
C ARG B 112 14.76 28.28 14.82
N ARG B 113 13.50 28.61 14.64
CA ARG B 113 12.72 29.25 15.67
C ARG B 113 12.13 28.32 16.71
N LEU B 114 11.93 27.05 16.32
CA LEU B 114 11.49 26.04 17.30
C LEU B 114 12.61 25.67 18.31
N ALA B 115 13.85 25.65 17.82
CA ALA B 115 14.98 25.19 18.64
C ALA B 115 15.01 25.74 20.06
N PRO B 116 14.94 27.06 20.25
CA PRO B 116 15.07 27.58 21.66
C PRO B 116 13.89 27.15 22.56
N VAL B 117 12.71 26.94 21.96
CA VAL B 117 11.55 26.50 22.70
C VAL B 117 11.74 25.00 23.04
N ALA B 118 12.19 24.22 22.08
CA ALA B 118 12.55 22.80 22.32
C ALA B 118 13.54 22.68 23.43
N GLN B 119 14.57 23.52 23.41
CA GLN B 119 15.57 23.52 24.50
C GLN B 119 15.01 23.90 25.84
N GLU B 120 14.21 24.94 25.91
CA GLU B 120 13.71 25.42 27.17
C GLU B 120 12.54 24.61 27.74
N LYS B 121 11.60 24.17 26.88
CA LYS B 121 10.34 23.57 27.33
C LYS B 121 10.26 22.05 27.11
N GLY B 122 11.06 21.55 26.18
CA GLY B 122 11.19 20.10 25.91
C GLY B 122 10.17 19.63 24.85
N VAL B 123 9.47 20.54 24.16
CA VAL B 123 8.70 20.10 22.99
C VAL B 123 9.58 19.34 22.03
N LEU B 124 9.05 18.26 21.42
CA LEU B 124 9.77 17.40 20.57
C LEU B 124 9.34 17.52 19.12
N LEU B 125 10.27 17.68 18.22
CA LEU B 125 9.98 17.82 16.78
C LEU B 125 9.76 16.53 16.06
N GLU B 126 8.65 16.46 15.31
CA GLU B 126 8.40 15.40 14.32
C GLU B 126 8.38 16.10 12.95
N LEU B 127 9.37 15.81 12.16
CA LEU B 127 9.44 16.36 10.80
C LEU B 127 8.74 15.47 9.79
N ASN B 128 7.76 16.03 9.10
CA ASN B 128 7.00 15.21 8.16
C ASN B 128 7.70 15.19 6.81
N LEU B 129 8.18 14.01 6.40
CA LEU B 129 8.80 13.84 5.10
C LEU B 129 7.90 13.24 4.07
N SER B 130 6.65 12.95 4.44
N SER B 130 6.67 12.90 4.50
CA SER B 130 5.71 12.38 3.49
CA SER B 130 5.65 12.26 3.66
C SER B 130 4.84 13.44 3.03
C SER B 130 4.82 13.42 3.22
N CYS B 131 5.41 14.38 2.31
N CYS B 131 5.37 14.20 2.28
CA CYS B 131 4.67 15.51 1.88
CA CYS B 131 4.89 15.54 2.01
C CYS B 131 5.25 15.95 0.52
C CYS B 131 5.34 16.02 0.56
N PRO B 132 4.48 16.78 -0.18
CA PRO B 132 4.99 17.37 -1.43
C PRO B 132 6.19 18.33 -1.35
N ASN B 133 6.94 18.26 -2.41
CA ASN B 133 7.99 19.23 -2.65
C ASN B 133 7.53 19.87 -3.99
N VAL B 134 8.25 19.59 -5.06
CA VAL B 134 7.89 20.11 -6.38
C VAL B 134 6.75 19.27 -7.00
N PRO B 135 5.64 19.89 -7.46
CA PRO B 135 4.72 19.07 -8.23
C PRO B 135 5.42 18.43 -9.44
N GLY B 136 5.09 17.15 -9.72
CA GLY B 136 5.75 16.30 -10.73
C GLY B 136 6.96 15.54 -10.29
N LYS B 137 7.41 15.81 -9.07
CA LYS B 137 8.41 14.98 -8.43
C LYS B 137 7.67 14.18 -7.33
N PRO B 138 8.25 13.07 -6.95
CA PRO B 138 7.66 12.33 -5.81
C PRO B 138 7.70 13.05 -4.52
N GLN B 139 6.90 12.59 -3.58
CA GLN B 139 6.99 13.15 -2.25
C GLN B 139 8.44 13.02 -1.77
N VAL B 140 8.76 13.87 -0.80
CA VAL B 140 10.11 13.96 -0.32
C VAL B 140 10.75 12.62 0.04
N ALA B 141 10.08 11.86 0.85
CA ALA B 141 10.66 10.60 1.34
C ALA B 141 10.68 9.52 0.26
N TYR B 142 10.05 9.75 -0.88
CA TYR B 142 10.21 8.88 -2.02
C TYR B 142 11.28 9.36 -2.99
N ASP B 143 11.99 10.43 -2.66
CA ASP B 143 13.07 11.00 -3.49
C ASP B 143 14.28 11.09 -2.56
N PHE B 144 15.10 10.06 -2.57
CA PHE B 144 16.10 9.89 -1.55
C PHE B 144 17.13 10.99 -1.50
N GLU B 145 17.46 11.55 -2.67
CA GLU B 145 18.35 12.72 -2.66
C GLU B 145 17.70 13.92 -1.98
N ALA B 146 16.42 14.17 -2.28
CA ALA B 146 15.72 15.24 -1.57
C ALA B 146 15.64 14.98 -0.07
N MET B 147 15.29 13.76 0.28
CA MET B 147 15.26 13.38 1.68
C MET B 147 16.59 13.69 2.37
N ARG B 148 17.70 13.31 1.75
CA ARG B 148 19.03 13.60 2.36
C ARG B 148 19.22 15.09 2.55
N THR B 149 18.83 15.89 1.56
CA THR B 149 18.98 17.34 1.64
C THR B 149 18.16 17.92 2.78
N TYR B 150 16.90 17.47 2.89
CA TYR B 150 16.08 17.98 3.92
C TYR B 150 16.68 17.67 5.27
N LEU B 151 17.18 16.45 5.46
CA LEU B 151 17.74 16.05 6.76
C LEU B 151 19.05 16.75 7.07
N GLN B 152 19.89 16.97 6.06
N GLN B 152 19.88 16.98 6.06
CA GLN B 152 21.12 17.71 6.33
CA GLN B 152 21.13 17.70 6.29
C GLN B 152 20.79 19.13 6.82
C GLN B 152 20.84 19.14 6.77
N GLN B 153 19.89 19.77 6.10
CA GLN B 153 19.56 21.18 6.38
C GLN B 153 18.82 21.36 7.70
N VAL B 154 17.89 20.46 8.00
CA VAL B 154 17.23 20.54 9.22
C VAL B 154 18.16 20.18 10.40
N SER B 155 19.01 19.18 10.25
CA SER B 155 19.94 18.82 11.33
C SER B 155 20.81 20.04 11.64
N LEU B 156 21.35 20.71 10.62
CA LEU B 156 22.20 21.88 10.87
C LEU B 156 21.44 23.05 11.50
N ALA B 157 20.22 23.29 11.03
CA ALA B 157 19.43 24.41 11.52
C ALA B 157 18.90 24.20 12.92
N TYR B 158 18.59 22.96 13.27
CA TYR B 158 17.95 22.67 14.50
C TYR B 158 18.93 22.36 15.61
N GLY B 159 19.77 21.40 15.33
CA GLY B 159 20.89 21.09 16.23
C GLY B 159 20.53 20.30 17.50
N LEU B 160 19.33 19.73 17.58
CA LEU B 160 18.79 19.02 18.74
C LEU B 160 18.14 17.72 18.17
N PRO B 161 17.96 16.76 19.04
CA PRO B 161 17.31 15.53 18.61
C PRO B 161 15.88 15.79 18.09
N PHE B 162 15.52 15.06 17.03
CA PHE B 162 14.18 15.15 16.44
C PHE B 162 13.81 13.82 15.84
N GLY B 163 12.60 13.74 15.33
CA GLY B 163 12.21 12.54 14.61
C GLY B 163 11.57 12.87 13.31
N VAL B 164 11.31 11.82 12.56
CA VAL B 164 10.81 11.97 11.24
C VAL B 164 9.55 11.08 10.98
N LYS B 165 8.57 11.62 10.27
CA LYS B 165 7.38 10.87 9.92
C LYS B 165 7.53 10.38 8.49
N MET B 166 7.53 9.04 8.28
CA MET B 166 7.82 8.43 6.99
C MET B 166 6.59 7.88 6.34
N PRO B 167 6.49 7.97 4.99
CA PRO B 167 5.48 7.23 4.27
C PRO B 167 5.83 5.75 4.36
N PRO B 168 4.84 4.90 4.05
CA PRO B 168 5.16 3.50 3.85
C PRO B 168 5.92 3.22 2.59
N TYR B 169 6.82 2.25 2.67
CA TYR B 169 7.49 1.72 1.49
C TYR B 169 7.04 0.24 1.29
N PHE B 170 7.26 -0.25 0.08
CA PHE B 170 6.71 -1.47 -0.44
C PHE B 170 7.73 -2.42 -1.06
N ASP B 171 8.95 -1.97 -1.13
CA ASP B 171 10.05 -2.66 -1.77
C ASP B 171 11.21 -2.70 -0.76
N ILE B 172 11.75 -3.87 -0.58
CA ILE B 172 12.92 -4.08 0.31
C ILE B 172 14.03 -3.11 -0.05
N ALA B 173 14.20 -2.85 -1.35
CA ALA B 173 15.29 -1.99 -1.74
C ALA B 173 15.10 -0.59 -1.16
N HIS B 174 13.85 -0.15 -1.09
CA HIS B 174 13.50 1.15 -0.46
C HIS B 174 13.66 1.15 1.05
N PHE B 175 13.33 0.03 1.73
CA PHE B 175 13.63 -0.06 3.15
C PHE B 175 15.12 0.16 3.34
N ASP B 176 15.90 -0.59 2.54
CA ASP B 176 17.36 -0.53 2.64
C ASP B 176 17.89 0.87 2.42
N THR B 177 17.48 1.51 1.37
CA THR B 177 17.97 2.83 1.03
C THR B 177 17.52 3.87 2.02
N ALA B 178 16.22 3.84 2.34
CA ALA B 178 15.68 4.81 3.24
C ALA B 178 16.31 4.75 4.62
N ALA B 179 16.48 3.54 5.15
CA ALA B 179 17.13 3.44 6.48
C ALA B 179 18.55 3.85 6.45
N ALA B 180 19.24 3.57 5.38
CA ALA B 180 20.64 4.03 5.25
C ALA B 180 20.74 5.59 5.26
N VAL B 181 19.84 6.26 4.56
CA VAL B 181 19.78 7.73 4.63
C VAL B 181 19.55 8.15 6.06
N LEU B 182 18.53 7.61 6.72
CA LEU B 182 18.25 8.02 8.06
C LEU B 182 19.43 7.82 8.98
N ASN B 183 20.12 6.71 8.81
CA ASN B 183 21.25 6.46 9.67
C ASN B 183 22.48 7.36 9.43
N GLU B 184 22.44 8.17 8.41
CA GLU B 184 23.47 9.22 8.24
C GLU B 184 23.34 10.34 9.25
N PHE B 185 22.16 10.45 9.91
CA PHE B 185 21.81 11.63 10.74
C PHE B 185 21.61 11.26 12.17
N PRO B 186 22.65 11.46 12.98
CA PRO B 186 22.54 11.08 14.36
C PRO B 186 21.53 11.85 15.20
N LEU B 187 21.12 13.02 14.73
CA LEU B 187 20.12 13.75 15.49
C LEU B 187 18.69 13.18 15.25
N VAL B 188 18.52 12.33 14.25
CA VAL B 188 17.20 11.69 14.03
C VAL B 188 17.13 10.53 15.05
N LYS B 189 16.41 10.77 16.15
CA LYS B 189 16.32 9.84 17.24
C LYS B 189 15.12 8.96 17.17
N PHE B 190 14.08 9.32 16.42
CA PHE B 190 12.91 8.46 16.26
C PHE B 190 12.40 8.54 14.85
N VAL B 191 11.78 7.44 14.43
CA VAL B 191 11.24 7.36 13.07
C VAL B 191 9.82 6.86 13.27
N THR B 192 8.84 7.62 12.75
CA THR B 192 7.44 7.26 12.88
C THR B 192 6.99 6.63 11.57
N CYS B 193 6.64 5.33 11.65
CA CYS B 193 6.21 4.51 10.55
C CYS B 193 4.77 4.10 10.83
N VAL B 194 3.72 4.55 10.09
CA VAL B 194 3.77 5.17 8.76
C VAL B 194 2.70 6.25 8.64
N ASN B 195 2.99 7.18 7.75
CA ASN B 195 1.94 8.06 7.20
C ASN B 195 0.94 7.24 6.38
N SER B 196 -0.05 7.92 5.80
CA SER B 196 -1.02 7.19 4.99
C SER B 196 -0.45 6.49 3.79
N VAL B 197 -1.15 5.46 3.34
CA VAL B 197 -0.80 4.73 2.14
C VAL B 197 -1.36 5.64 0.98
N GLY B 198 -0.43 6.11 0.15
CA GLY B 198 -0.70 7.29 -0.68
C GLY B 198 -1.56 6.95 -1.87
N ASN B 199 -2.39 7.94 -2.20
CA ASN B 199 -3.18 7.87 -3.46
C ASN B 199 -3.96 6.61 -3.73
N GLY B 200 -4.72 6.19 -2.75
CA GLY B 200 -5.78 5.24 -3.00
C GLY B 200 -6.99 5.95 -3.54
N LEU B 201 -8.01 5.14 -3.89
CA LEU B 201 -9.23 5.65 -4.52
C LEU B 201 -10.45 4.89 -3.99
N VAL B 202 -11.34 5.53 -3.22
CA VAL B 202 -12.55 4.90 -2.76
C VAL B 202 -13.70 5.40 -3.65
N ILE B 203 -14.49 4.44 -4.08
CA ILE B 203 -15.64 4.68 -4.94
C ILE B 203 -16.88 4.10 -4.32
N ASP B 204 -17.92 4.91 -4.30
CA ASP B 204 -19.18 4.55 -3.71
C ASP B 204 -20.05 3.91 -4.82
N ALA B 205 -20.40 2.66 -4.64
CA ALA B 205 -21.13 1.98 -5.71
C ALA B 205 -22.51 2.55 -6.04
N GLU B 206 -23.21 3.03 -5.05
CA GLU B 206 -24.57 3.50 -5.30
C GLU B 206 -24.57 4.76 -6.15
N SER B 207 -23.73 5.73 -5.76
CA SER B 207 -23.62 6.99 -6.50
C SER B 207 -22.65 6.97 -7.66
N GLU B 208 -21.87 5.89 -7.81
CA GLU B 208 -20.90 5.76 -8.87
C GLU B 208 -19.89 6.83 -8.85
N SER B 209 -19.55 7.32 -7.67
N SER B 209 -19.58 7.35 -7.68
CA SER B 209 -18.79 8.54 -7.49
CA SER B 209 -18.72 8.51 -7.53
C SER B 209 -17.64 8.30 -6.50
C SER B 209 -17.64 8.29 -6.52
N VAL B 210 -16.51 8.97 -6.73
CA VAL B 210 -15.50 9.12 -5.68
C VAL B 210 -16.11 9.78 -4.49
N VAL B 211 -15.45 9.69 -3.34
CA VAL B 211 -16.01 10.19 -2.11
C VAL B 211 -15.36 11.46 -1.52
N ILE B 212 -14.22 11.90 -2.07
CA ILE B 212 -13.56 13.13 -1.70
C ILE B 212 -13.42 13.95 -2.98
N LYS B 213 -13.48 15.25 -2.83
CA LYS B 213 -13.43 16.15 -3.92
C LYS B 213 -12.05 16.48 -4.50
N PRO B 214 -11.05 16.72 -3.68
CA PRO B 214 -9.76 16.97 -4.28
C PRO B 214 -9.15 15.81 -5.06
N LYS B 215 -8.22 16.12 -5.98
CA LYS B 215 -7.41 15.11 -6.66
C LYS B 215 -8.24 14.02 -7.35
N GLN B 216 -9.41 14.38 -7.88
CA GLN B 216 -10.27 13.41 -8.55
C GLN B 216 -10.58 12.23 -7.67
N GLY B 217 -10.63 12.45 -6.36
CA GLY B 217 -10.99 11.39 -5.43
C GLY B 217 -9.82 10.62 -4.83
N PHE B 218 -8.61 10.86 -5.31
CA PHE B 218 -7.40 10.14 -4.80
C PHE B 218 -6.95 10.73 -3.47
N GLY B 219 -6.61 9.86 -2.55
CA GLY B 219 -6.13 10.37 -1.25
C GLY B 219 -5.49 9.32 -0.43
N GLY B 220 -4.89 9.74 0.69
CA GLY B 220 -4.18 8.74 1.51
C GLY B 220 -5.10 7.92 2.38
N LEU B 221 -4.76 6.61 2.46
CA LEU B 221 -5.57 5.65 3.18
C LEU B 221 -4.98 5.42 4.56
N GLY B 222 -5.88 5.31 5.48
CA GLY B 222 -5.60 4.94 6.84
C GLY B 222 -6.53 3.85 7.33
N GLY B 223 -6.29 3.32 8.52
CA GLY B 223 -7.17 2.42 9.14
C GLY B 223 -6.85 0.94 8.92
N LYS B 224 -7.90 0.13 8.94
CA LYS B 224 -7.75 -1.34 8.86
C LYS B 224 -7.05 -1.75 7.60
N TYR B 225 -7.26 -1.02 6.48
CA TYR B 225 -6.55 -1.30 5.24
C TYR B 225 -5.05 -1.45 5.37
N ILE B 226 -4.43 -0.69 6.30
CA ILE B 226 -3.01 -0.44 6.26
C ILE B 226 -2.18 -1.09 7.41
N LEU B 227 -2.84 -1.90 8.26
CA LEU B 227 -2.16 -2.45 9.43
C LEU B 227 -0.98 -3.31 9.03
N PRO B 228 -1.14 -4.32 8.16
CA PRO B 228 0.06 -5.08 7.80
C PRO B 228 1.18 -4.27 7.12
N THR B 229 0.85 -3.27 6.32
CA THR B 229 1.80 -2.38 5.75
C THR B 229 2.53 -1.61 6.85
N ALA B 230 1.76 -1.07 7.80
CA ALA B 230 2.37 -0.35 8.98
C ALA B 230 3.34 -1.26 9.76
N LEU B 231 2.89 -2.48 10.08
CA LEU B 231 3.71 -3.40 10.86
C LEU B 231 5.01 -3.63 10.09
N ALA B 232 4.95 -3.89 8.79
CA ALA B 232 6.10 -4.15 7.99
C ALA B 232 7.13 -3.02 8.06
N ASN B 233 6.65 -1.77 7.96
CA ASN B 233 7.53 -0.69 7.99
C ASN B 233 8.10 -0.51 9.36
N VAL B 234 7.28 -0.65 10.41
CA VAL B 234 7.82 -0.51 11.78
C VAL B 234 8.94 -1.54 11.93
N ASN B 235 8.68 -2.76 11.56
CA ASN B 235 9.71 -3.80 11.77
C ASN B 235 10.97 -3.63 10.89
N ALA B 236 10.75 -3.24 9.63
CA ALA B 236 11.85 -2.95 8.72
C ALA B 236 12.82 -1.93 9.27
N PHE B 237 12.27 -0.78 9.71
CA PHE B 237 13.06 0.23 10.35
C PHE B 237 13.62 -0.15 11.68
N TYR B 238 12.88 -0.88 12.49
CA TYR B 238 13.37 -1.42 13.78
C TYR B 238 14.61 -2.21 13.60
N ARG B 239 14.58 -3.09 12.61
CA ARG B 239 15.75 -3.91 12.27
C ARG B 239 16.93 -3.10 11.72
N ARG B 240 16.70 -2.13 10.86
CA ARG B 240 17.74 -1.36 10.16
C ARG B 240 18.30 -0.19 10.91
N CYS B 241 17.55 0.30 11.91
CA CYS B 241 17.98 1.48 12.67
C CYS B 241 18.14 1.20 14.09
N PRO B 242 19.18 0.41 14.44
CA PRO B 242 19.22 -0.05 15.82
C PRO B 242 19.55 1.03 16.83
N ASP B 243 20.10 2.13 16.39
CA ASP B 243 20.37 3.26 17.25
C ASP B 243 19.27 4.29 17.34
N LYS B 244 18.09 4.02 16.74
CA LYS B 244 16.96 4.93 16.79
C LYS B 244 15.76 4.22 17.41
N LEU B 245 14.78 5.02 17.82
CA LEU B 245 13.47 4.55 18.26
C LEU B 245 12.59 4.50 17.00
N VAL B 246 11.63 3.58 17.03
CA VAL B 246 10.56 3.54 16.01
C VAL B 246 9.23 3.77 16.73
N PHE B 247 8.42 4.69 16.21
CA PHE B 247 7.08 4.88 16.70
C PHE B 247 6.16 4.26 15.63
N GLY B 248 5.16 3.50 16.04
CA GLY B 248 4.24 2.90 15.09
C GLY B 248 3.01 3.73 14.89
N CYS B 249 2.54 3.77 13.66
CA CYS B 249 1.30 4.44 13.31
C CYS B 249 0.72 3.64 12.12
N GLY B 250 -0.53 3.30 12.25
CA GLY B 250 -1.32 2.74 11.17
C GLY B 250 -2.15 1.57 11.59
N GLY B 251 -3.46 1.68 11.37
CA GLY B 251 -4.39 0.63 11.68
C GLY B 251 -4.61 0.24 13.10
N VAL B 252 -4.32 1.12 14.06
CA VAL B 252 -4.56 0.75 15.45
C VAL B 252 -5.98 1.11 15.82
N TYR B 253 -6.81 0.11 16.10
CA TYR B 253 -8.13 0.24 16.67
C TYR B 253 -8.29 -0.44 18.02
N SER B 254 -7.32 -1.21 18.46
CA SER B 254 -7.51 -2.02 19.68
C SER B 254 -6.19 -2.22 20.35
N GLY B 255 -6.23 -2.69 21.60
CA GLY B 255 -5.01 -2.96 22.33
C GLY B 255 -4.26 -4.09 21.66
N GLU B 256 -4.93 -5.02 21.00
CA GLU B 256 -4.25 -6.07 20.30
C GLU B 256 -3.45 -5.49 19.12
N ASP B 257 -4.07 -4.59 18.32
CA ASP B 257 -3.32 -3.96 17.26
C ASP B 257 -2.06 -3.22 17.77
N ALA B 258 -2.18 -2.55 18.93
CA ALA B 258 -1.03 -1.90 19.58
C ALA B 258 0.03 -2.88 20.01
N PHE B 259 -0.40 -4.00 20.55
CA PHE B 259 0.49 -5.10 20.91
C PHE B 259 1.29 -5.58 19.73
N LEU B 260 0.67 -5.73 18.57
CA LEU B 260 1.41 -6.12 17.38
C LEU B 260 2.43 -5.11 16.92
N HIS B 261 2.02 -3.83 16.89
CA HIS B 261 2.99 -2.77 16.69
C HIS B 261 4.21 -2.84 17.59
N ILE B 262 3.97 -3.05 18.87
CA ILE B 262 5.06 -3.06 19.85
C ILE B 262 5.91 -4.35 19.62
N LEU B 263 5.29 -5.48 19.32
CA LEU B 263 6.11 -6.68 18.97
C LEU B 263 6.97 -6.43 17.78
N ALA B 264 6.45 -5.66 16.81
CA ALA B 264 7.22 -5.26 15.66
C ALA B 264 8.37 -4.35 15.93
N GLY B 265 8.29 -3.60 16.99
CA GLY B 265 9.37 -2.72 17.45
C GLY B 265 8.91 -1.33 17.90
N ALA B 266 7.64 -1.04 17.85
CA ALA B 266 7.15 0.30 18.20
C ALA B 266 7.44 0.70 19.70
N SER B 267 7.89 1.93 19.92
CA SER B 267 7.96 2.53 21.24
C SER B 267 6.60 3.23 21.49
N MET B 268 6.42 4.41 20.92
CA MET B 268 5.10 5.04 20.99
C MET B 268 4.25 4.41 19.84
N VAL B 269 2.95 4.45 20.08
CA VAL B 269 1.92 3.98 19.18
C VAL B 269 0.94 5.13 18.94
N GLN B 270 0.74 5.52 17.68
CA GLN B 270 -0.09 6.64 17.36
C GLN B 270 -1.39 6.11 16.75
N VAL B 271 -2.45 6.88 16.91
CA VAL B 271 -3.80 6.48 16.55
C VAL B 271 -4.42 7.59 15.74
N GLY B 272 -4.71 7.30 14.45
CA GLY B 272 -5.27 8.31 13.53
C GLY B 272 -6.75 8.04 13.31
N THR B 273 -7.08 7.30 12.23
CA THR B 273 -8.43 7.02 11.83
C THR B 273 -9.32 6.59 12.99
N ALA B 274 -8.86 5.68 13.82
CA ALA B 274 -9.72 5.17 14.86
C ALA B 274 -10.10 6.23 15.89
N LEU B 275 -9.16 7.12 16.14
CA LEU B 275 -9.35 8.26 17.03
C LEU B 275 -10.29 9.28 16.38
N GLN B 276 -10.09 9.56 15.12
CA GLN B 276 -11.02 10.40 14.36
C GLN B 276 -12.44 9.88 14.49
N GLU B 277 -12.62 8.55 14.42
CA GLU B 277 -13.91 7.96 14.39
C GLU B 277 -14.54 7.83 15.77
N GLU B 278 -13.73 7.44 16.78
CA GLU B 278 -14.23 7.15 18.07
C GLU B 278 -14.16 8.27 19.09
N GLY B 279 -13.23 9.17 18.89
CA GLY B 279 -12.95 10.22 19.84
C GLY B 279 -12.00 9.79 20.93
N PRO B 280 -11.62 10.74 21.79
CA PRO B 280 -10.54 10.52 22.71
C PRO B 280 -10.75 9.50 23.81
N GLY B 281 -11.99 9.06 24.00
CA GLY B 281 -12.24 7.96 24.90
C GLY B 281 -11.52 6.73 24.47
N ILE B 282 -11.12 6.68 23.21
CA ILE B 282 -10.43 5.46 22.72
C ILE B 282 -9.21 5.15 23.60
N PHE B 283 -8.56 6.20 24.09
CA PHE B 283 -7.33 5.92 24.83
C PHE B 283 -7.47 5.09 26.07
N THR B 284 -8.57 5.27 26.79
CA THR B 284 -8.79 4.42 27.97
C THR B 284 -9.01 2.99 27.56
N ARG B 285 -9.75 2.77 26.49
CA ARG B 285 -10.02 1.43 26.01
C ARG B 285 -8.76 0.79 25.57
N LEU B 286 -7.90 1.49 24.80
CA LEU B 286 -6.69 0.91 24.32
C LEU B 286 -5.75 0.52 25.44
N GLU B 287 -5.68 1.39 26.45
CA GLU B 287 -4.91 1.05 27.65
C GLU B 287 -5.39 -0.22 28.32
N ASP B 288 -6.67 -0.29 28.57
CA ASP B 288 -7.28 -1.44 29.23
C ASP B 288 -7.04 -2.72 28.42
N GLU B 289 -7.26 -2.64 27.11
CA GLU B 289 -7.10 -3.79 26.23
C GLU B 289 -5.65 -4.29 26.18
N LEU B 290 -4.70 -3.38 26.15
CA LEU B 290 -3.32 -3.73 26.06
C LEU B 290 -2.92 -4.42 27.40
N LEU B 291 -3.37 -3.82 28.48
CA LEU B 291 -3.06 -4.40 29.81
C LEU B 291 -3.69 -5.77 29.95
N GLU B 292 -4.89 -6.03 29.37
CA GLU B 292 -5.43 -7.33 29.48
C GLU B 292 -4.63 -8.38 28.71
N ILE B 293 -4.11 -8.02 27.52
CA ILE B 293 -3.25 -8.97 26.78
C ILE B 293 -1.98 -9.21 27.49
N MET B 294 -1.37 -8.15 28.01
CA MET B 294 -0.17 -8.34 28.83
C MET B 294 -0.43 -9.29 30.01
N ALA B 295 -1.53 -9.08 30.73
CA ALA B 295 -1.82 -9.90 31.93
C ALA B 295 -1.92 -11.39 31.54
N ARG B 296 -2.63 -11.69 30.45
CA ARG B 296 -2.81 -13.04 29.98
C ARG B 296 -1.50 -13.72 29.66
N LYS B 297 -0.54 -12.94 29.16
CA LYS B 297 0.75 -13.45 28.73
C LYS B 297 1.81 -13.39 29.79
N GLY B 298 1.46 -12.81 30.93
CA GLY B 298 2.44 -12.60 31.96
C GLY B 298 3.47 -11.54 31.73
N TYR B 299 3.25 -10.58 30.84
CA TYR B 299 4.21 -9.49 30.60
C TYR B 299 3.89 -8.31 31.58
N ARG B 300 4.94 -7.84 32.22
CA ARG B 300 4.78 -6.76 33.16
C ARG B 300 5.09 -5.37 32.62
N THR B 301 5.92 -5.29 31.57
CA THR B 301 6.41 -4.07 30.98
C THR B 301 6.42 -4.20 29.46
N LEU B 302 6.43 -3.06 28.80
CA LEU B 302 6.50 -3.04 27.37
C LEU B 302 7.82 -3.57 26.82
N GLU B 303 8.94 -3.36 27.55
CA GLU B 303 10.24 -3.74 27.01
C GLU B 303 10.39 -5.23 27.02
N GLU B 304 9.54 -5.95 27.76
N GLU B 304 9.55 -5.95 27.78
CA GLU B 304 9.65 -7.39 27.78
CA GLU B 304 9.61 -7.40 27.78
C GLU B 304 9.21 -8.01 26.46
C GLU B 304 9.29 -7.98 26.41
N PHE B 305 8.49 -7.27 25.65
CA PHE B 305 8.06 -7.78 24.34
C PHE B 305 8.31 -6.88 23.14
N ARG B 306 8.78 -5.65 23.35
CA ARG B 306 9.02 -4.73 22.25
C ARG B 306 10.08 -5.33 21.32
N GLY B 307 9.75 -5.42 20.05
CA GLY B 307 10.69 -5.86 19.05
C GLY B 307 10.85 -7.39 19.04
N ARG B 308 10.10 -8.12 19.84
CA ARG B 308 10.30 -9.55 20.01
C ARG B 308 9.42 -10.42 19.16
N VAL B 309 8.85 -9.88 18.08
CA VAL B 309 8.16 -10.73 17.12
C VAL B 309 9.06 -11.91 16.74
N LYS B 310 8.43 -13.08 16.66
CA LYS B 310 9.15 -14.29 16.30
C LYS B 310 9.03 -14.54 14.85
N THR B 311 10.09 -15.02 14.27
CA THR B 311 10.05 -15.48 12.86
C THR B 311 10.05 -17.00 12.87
N ILE B 312 9.76 -17.58 11.73
CA ILE B 312 9.62 -19.04 11.65
C ILE B 312 10.92 -19.65 11.11
N GLU B 313 11.58 -20.46 11.93
N GLU B 313 11.28 -20.71 11.86
CA GLU B 313 12.94 -20.95 11.59
CA GLU B 313 12.27 -21.79 11.59
C GLU B 313 13.89 -19.80 11.24
C GLU B 313 13.54 -21.52 12.38
#